data_4HET
#
_entry.id   4HET
#
_cell.length_a   180.385
_cell.length_b   180.385
_cell.length_c   63.752
_cell.angle_alpha   90.000
_cell.angle_beta   90.000
_cell.angle_gamma   120.000
#
_symmetry.space_group_name_H-M   'P 61'
#
loop_
_entity.id
_entity.type
_entity.pdbx_description
1 polymer 'HYPOTHETICAL GLYCOSIDE HYDROLASE'
2 non-polymer 1,2-ETHANEDIOL
3 water water
#
_entity_poly.entity_id   1
_entity_poly.type   'polypeptide(L)'
_entity_poly.pdbx_seq_one_letter_code
;GATSCIQDEALNSEAAIDACTGDDVQLANINADSKLINVYVNKGADLSKQKLEFVIPEGATIKINDQVAGDTEATYDFSE
ETHSRKFTVTSEDGQWKPVYTVKVVLAELPTSFNFEELLPSNDYDIFYEFQPGTSQEISKVLQWSSGNPGFKLTG(MSE)
ANSKTDYPTVQVANGFRGKGVKLETRDTGSFGA(MSE)VK(MSE)YIAAGNLFIGTFEVGNALTDPRKATNFGFQFYKRP
KTLKGHYKFKAGDVYSVEGKPQEGVRDKCDIYAV(MSE)YEAENNSV(MSE)LNGDDVFTSDKLVSLARIKPEDVVESDQ
WTDFEIPFEPVKGRVIDDTKLKNGKYKLGIVLSSSVDGAYFKGAVGSTLYVDEVELICED
;
_entity_poly.pdbx_strand_id   A,B
#
loop_
_chem_comp.id
_chem_comp.type
_chem_comp.name
_chem_comp.formula
EDO non-polymer 1,2-ETHANEDIOL 'C2 H6 O2'
#
# COMPACT_ATOMS: atom_id res chain seq x y z
N SER A 13 -24.24 16.63 26.37
CA SER A 13 -24.21 16.55 24.87
C SER A 13 -23.37 15.38 24.30
N GLU A 14 -22.04 15.52 24.28
CA GLU A 14 -21.14 14.52 23.68
C GLU A 14 -21.11 13.14 24.40
N ALA A 15 -21.01 12.07 23.61
CA ALA A 15 -20.96 10.68 24.12
C ALA A 15 -20.47 9.68 23.05
N ALA A 16 -19.21 9.27 23.16
CA ALA A 16 -18.56 8.32 22.24
C ALA A 16 -17.20 7.95 22.82
N ILE A 17 -16.54 6.95 22.24
CA ILE A 17 -15.17 6.59 22.65
C ILE A 17 -14.24 7.21 21.63
N ASP A 18 -13.35 8.07 22.10
CA ASP A 18 -12.45 8.84 21.22
C ASP A 18 -11.12 8.14 20.98
N ALA A 19 -10.71 7.33 21.94
CA ALA A 19 -9.46 6.60 21.83
C ALA A 19 -9.55 5.36 22.71
N CYS A 20 -8.62 4.44 22.54
CA CYS A 20 -8.59 3.24 23.35
C CYS A 20 -7.17 2.74 23.38
N THR A 21 -6.56 2.72 24.55
CA THR A 21 -5.17 2.30 24.69
C THR A 21 -5.10 1.22 25.78
N GLY A 22 -3.92 0.66 25.98
CA GLY A 22 -3.76 -0.39 26.97
C GLY A 22 -2.36 -0.90 26.96
N ASP A 23 -1.98 -1.59 28.03
CA ASP A 23 -0.63 -2.15 28.17
C ASP A 23 -0.17 -3.04 27.04
N ASP A 24 -1.05 -3.89 26.53
CA ASP A 24 -0.66 -4.82 25.46
C ASP A 24 -1.07 -4.32 24.07
N VAL A 25 -1.82 -3.23 24.03
CA VAL A 25 -2.39 -2.71 22.80
C VAL A 25 -1.43 -2.06 21.82
N GLN A 26 -1.30 -2.62 20.61
CA GLN A 26 -0.46 -2.04 19.52
CA GLN A 26 -0.48 -2.02 19.52
C GLN A 26 -1.24 -1.02 18.68
N LEU A 27 -2.53 -1.25 18.50
CA LEU A 27 -3.32 -0.37 17.65
C LEU A 27 -4.76 -0.67 17.88
N ALA A 28 -5.59 0.36 17.89
CA ALA A 28 -7.01 0.22 18.05
C ALA A 28 -7.68 0.83 16.85
N ASN A 29 -8.64 0.12 16.29
CA ASN A 29 -9.45 0.65 15.22
C ASN A 29 -10.85 0.87 15.75
N ILE A 30 -11.17 2.15 15.96
CA ILE A 30 -12.50 2.55 16.42
C ILE A 30 -13.37 2.85 15.21
N ASN A 31 -14.42 2.06 15.02
CA ASN A 31 -15.34 2.27 13.92
C ASN A 31 -16.55 2.99 14.49
N ALA A 32 -16.54 4.32 14.34
CA ALA A 32 -17.62 5.19 14.85
C ALA A 32 -19.03 4.82 14.38
N ASP A 33 -19.14 4.16 13.24
CA ASP A 33 -20.45 3.79 12.66
C ASP A 33 -21.05 2.49 13.20
N SER A 34 -20.23 1.46 13.33
CA SER A 34 -20.70 0.15 13.83
C SER A 34 -20.63 0.03 15.36
N LYS A 35 -19.86 0.93 15.97
CA LYS A 35 -19.59 0.93 17.41
C LYS A 35 -18.75 -0.30 17.76
N LEU A 36 -17.97 -0.80 16.80
CA LEU A 36 -17.10 -1.93 17.02
C LEU A 36 -15.72 -1.36 17.12
N ILE A 37 -14.96 -1.81 18.12
CA ILE A 37 -13.58 -1.40 18.28
C ILE A 37 -12.75 -2.68 18.28
N ASN A 38 -11.83 -2.79 17.33
CA ASN A 38 -10.93 -3.91 17.31
C ASN A 38 -9.64 -3.42 17.93
N VAL A 39 -9.16 -4.14 18.93
CA VAL A 39 -7.94 -3.75 19.65
C VAL A 39 -6.93 -4.84 19.35
N TYR A 40 -5.82 -4.45 18.74
CA TYR A 40 -4.79 -5.41 18.36
C TYR A 40 -3.71 -5.45 19.43
N VAL A 41 -3.43 -6.65 19.93
CA VAL A 41 -2.46 -6.84 20.98
C VAL A 41 -1.37 -7.82 20.61
N ASN A 42 -0.23 -7.74 21.29
CA ASN A 42 0.87 -8.65 20.98
C ASN A 42 0.42 -10.09 21.17
N LYS A 43 1.04 -10.93 20.37
CA LYS A 43 0.70 -12.33 20.28
C LYS A 43 0.75 -13.06 21.63
N GLY A 44 1.57 -12.57 22.57
CA GLY A 44 1.71 -13.20 23.88
C GLY A 44 0.93 -12.54 25.03
N ALA A 45 -0.01 -11.66 24.70
CA ALA A 45 -0.82 -10.97 25.70
C ALA A 45 -1.75 -11.96 26.44
N ASP A 46 -1.99 -11.69 27.73
CA ASP A 46 -2.89 -12.53 28.50
C ASP A 46 -4.29 -11.96 28.28
N LEU A 47 -5.07 -12.64 27.45
CA LEU A 47 -6.43 -12.17 27.13
C LEU A 47 -7.33 -12.12 28.36
N SER A 48 -7.03 -12.92 29.38
CA SER A 48 -7.85 -12.92 30.61
C SER A 48 -7.57 -11.75 31.56
N LYS A 49 -6.49 -11.02 31.32
CA LYS A 49 -6.07 -9.90 32.17
C LYS A 49 -5.62 -8.72 31.34
N GLN A 50 -6.57 -8.06 30.68
CA GLN A 50 -6.25 -6.93 29.86
C GLN A 50 -6.48 -5.59 30.57
N LYS A 51 -5.45 -4.73 30.58
CA LYS A 51 -5.57 -3.37 31.12
C LYS A 51 -5.85 -2.47 29.93
N LEU A 52 -6.96 -1.73 29.97
CA LEU A 52 -7.37 -0.84 28.90
C LEU A 52 -7.83 0.51 29.42
N GLU A 53 -7.53 1.59 28.70
CA GLU A 53 -8.00 2.96 29.01
C GLU A 53 -8.74 3.51 27.83
N PHE A 54 -9.77 4.29 28.09
CA PHE A 54 -10.58 4.90 27.05
C PHE A 54 -10.60 6.42 27.24
N VAL A 55 -10.47 7.18 26.17
CA VAL A 55 -10.63 8.62 26.24
C VAL A 55 -12.07 8.90 25.80
N ILE A 56 -12.83 9.62 26.61
CA ILE A 56 -14.23 9.96 26.28
C ILE A 56 -14.44 11.48 26.48
N PRO A 57 -15.59 12.03 26.02
CA PRO A 57 -15.90 13.47 26.19
C PRO A 57 -15.97 13.97 27.65
N GLU A 58 -15.46 15.19 27.88
CA GLU A 58 -15.46 15.83 29.21
C GLU A 58 -16.83 15.70 29.88
N GLY A 59 -16.86 15.13 31.07
CA GLY A 59 -18.11 14.97 31.82
C GLY A 59 -18.75 13.59 31.76
N ALA A 60 -18.62 12.91 30.63
CA ALA A 60 -19.21 11.58 30.44
C ALA A 60 -18.44 10.51 31.19
N THR A 61 -19.09 9.38 31.41
CA THR A 61 -18.47 8.24 32.09
C THR A 61 -18.58 6.93 31.29
N ILE A 62 -17.61 6.05 31.51
CA ILE A 62 -17.50 4.77 30.80
C ILE A 62 -17.66 3.59 31.77
N LYS A 63 -18.67 2.76 31.53
CA LYS A 63 -18.95 1.60 32.34
C LYS A 63 -19.04 0.35 31.46
N ILE A 64 -18.30 -0.71 31.82
CA ILE A 64 -18.41 -2.01 31.12
C ILE A 64 -19.82 -2.53 31.40
N ASN A 65 -20.48 -3.11 30.40
CA ASN A 65 -21.91 -3.51 30.55
C ASN A 65 -22.19 -4.63 31.50
N ASP A 66 -21.20 -5.50 31.70
CA ASP A 66 -21.37 -6.63 32.60
C ASP A 66 -20.05 -6.93 33.31
N GLN A 67 -20.08 -7.88 34.23
CA GLN A 67 -18.91 -8.33 34.94
C GLN A 67 -18.81 -9.85 34.85
N VAL A 68 -17.59 -10.37 34.69
CA VAL A 68 -17.35 -11.83 34.73
C VAL A 68 -16.30 -12.14 35.81
N ALA A 69 -16.29 -13.40 36.26
CA ALA A 69 -15.43 -13.83 37.34
C ALA A 69 -13.98 -13.38 37.17
N GLY A 70 -13.47 -13.43 35.95
CA GLY A 70 -12.08 -13.08 35.67
C GLY A 70 -11.72 -11.61 35.72
N ASP A 71 -12.74 -10.75 35.76
CA ASP A 71 -12.50 -9.33 35.89
C ASP A 71 -11.91 -9.04 37.28
N THR A 72 -11.03 -8.05 37.33
CA THR A 72 -10.44 -7.58 38.59
C THR A 72 -10.69 -6.06 38.56
N GLU A 73 -10.15 -5.35 39.55
CA GLU A 73 -10.32 -3.90 39.62
C GLU A 73 -9.44 -3.18 38.63
N ALA A 74 -8.35 -3.82 38.22
CA ALA A 74 -7.40 -3.25 37.30
C ALA A 74 -7.47 -3.81 35.83
N THR A 75 -8.00 -5.02 35.63
CA THR A 75 -8.04 -5.62 34.30
C THR A 75 -9.40 -6.24 33.95
N TYR A 76 -9.65 -6.42 32.66
CA TYR A 76 -10.86 -7.07 32.17
C TYR A 76 -10.49 -8.41 31.52
N ASP A 77 -11.41 -9.37 31.63
CA ASP A 77 -11.21 -10.70 31.06
C ASP A 77 -11.87 -10.79 29.67
N PHE A 78 -11.03 -10.90 28.65
CA PHE A 78 -11.46 -11.06 27.26
C PHE A 78 -11.15 -12.46 26.73
N SER A 79 -11.03 -13.44 27.62
CA SER A 79 -10.64 -14.78 27.20
C SER A 79 -11.80 -15.67 26.76
N GLU A 80 -13.05 -15.26 27.02
CA GLU A 80 -14.24 -16.05 26.64
C GLU A 80 -14.40 -16.05 25.13
N GLU A 81 -15.29 -16.93 24.67
CA GLU A 81 -15.58 -17.22 23.26
C GLU A 81 -15.20 -16.17 22.23
N THR A 82 -15.93 -15.07 22.24
CA THR A 82 -15.78 -14.02 21.23
C THR A 82 -14.62 -13.05 21.46
N HIS A 83 -13.95 -13.13 22.61
CA HIS A 83 -12.91 -12.19 22.96
C HIS A 83 -13.43 -10.74 22.88
N SER A 84 -14.69 -10.54 23.24
CA SER A 84 -15.30 -9.22 23.19
CA SER A 84 -15.28 -9.21 23.20
C SER A 84 -16.11 -8.91 24.45
N ARG A 85 -16.22 -7.62 24.76
CA ARG A 85 -17.03 -7.13 25.88
C ARG A 85 -17.67 -5.80 25.44
N LYS A 86 -18.87 -5.53 25.91
CA LYS A 86 -19.58 -4.31 25.56
C LYS A 86 -19.39 -3.24 26.64
N PHE A 87 -19.30 -1.99 26.21
CA PHE A 87 -19.16 -0.84 27.10
C PHE A 87 -20.20 0.23 26.75
N THR A 88 -20.78 0.89 27.76
CA THR A 88 -21.71 1.99 27.52
C THR A 88 -21.01 3.30 27.90
N VAL A 89 -21.24 4.36 27.11
CA VAL A 89 -20.69 5.69 27.40
C VAL A 89 -21.88 6.63 27.61
N THR A 90 -22.22 6.89 28.88
CA THR A 90 -23.33 7.81 29.19
C THR A 90 -22.79 9.24 29.16
N SER A 91 -23.53 10.07 28.43
CA SER A 91 -23.16 11.46 28.10
C SER A 91 -22.57 12.37 29.18
N GLU A 92 -23.23 12.41 30.35
CA GLU A 92 -22.99 13.37 31.45
C GLU A 92 -24.31 14.13 31.40
N ASP A 93 -24.73 14.34 30.17
CA ASP A 93 -26.00 14.89 29.78
C ASP A 93 -27.05 13.89 30.25
N GLY A 94 -26.68 12.60 30.23
CA GLY A 94 -27.56 11.50 30.62
C GLY A 94 -28.54 11.10 29.52
N GLN A 95 -28.43 11.73 28.35
CA GLN A 95 -29.38 11.50 27.25
C GLN A 95 -28.94 10.53 26.14
N TRP A 96 -27.65 10.19 26.06
CA TRP A 96 -27.20 9.21 25.06
C TRP A 96 -26.45 8.04 25.72
N LYS A 97 -26.91 6.81 25.45
CA LYS A 97 -26.32 5.57 25.99
C LYS A 97 -25.77 4.67 24.85
N PRO A 98 -24.79 5.16 24.06
CA PRO A 98 -24.21 4.40 22.95
C PRO A 98 -23.34 3.20 23.39
N VAL A 99 -23.72 2.01 22.96
CA VAL A 99 -23.02 0.78 23.34
C VAL A 99 -21.96 0.35 22.32
N TYR A 100 -20.70 0.30 22.76
CA TYR A 100 -19.58 -0.16 21.96
C TYR A 100 -19.26 -1.63 22.25
N THR A 101 -18.74 -2.33 21.25
CA THR A 101 -18.32 -3.72 21.39
C THR A 101 -16.83 -3.68 21.19
N VAL A 102 -16.08 -4.01 22.24
CA VAL A 102 -14.62 -4.02 22.16
C VAL A 102 -14.16 -5.44 21.97
N LYS A 103 -13.41 -5.69 20.91
CA LYS A 103 -12.89 -7.03 20.59
C LYS A 103 -11.36 -7.01 20.56
N VAL A 104 -10.74 -7.94 21.27
CA VAL A 104 -9.31 -8.02 21.35
C VAL A 104 -8.85 -9.06 20.33
N VAL A 105 -7.87 -8.68 19.52
CA VAL A 105 -7.38 -9.52 18.45
C VAL A 105 -5.85 -9.64 18.56
N LEU A 106 -5.35 -10.87 18.54
CA LEU A 106 -3.91 -11.10 18.56
C LEU A 106 -3.32 -10.65 17.21
N ALA A 107 -2.15 -10.01 17.27
CA ALA A 107 -1.42 -9.49 16.10
C ALA A 107 0.09 -9.58 16.31
N GLU A 108 0.83 -9.59 15.20
CA GLU A 108 2.29 -9.62 15.19
CA GLU A 108 2.28 -9.63 15.21
C GLU A 108 2.76 -8.40 14.43
N LEU A 109 4.04 -8.07 14.53
CA LEU A 109 4.56 -6.95 13.78
C LEU A 109 4.65 -7.32 12.32
N PRO A 110 4.44 -6.35 11.42
CA PRO A 110 4.70 -6.67 10.03
C PRO A 110 6.21 -6.75 9.75
N THR A 111 6.56 -7.27 8.59
CA THR A 111 7.92 -7.26 8.10
C THR A 111 8.03 -6.41 6.83
N SER A 112 6.93 -5.83 6.40
CA SER A 112 6.88 -4.98 5.24
C SER A 112 6.12 -3.70 5.61
N PHE A 113 6.70 -2.54 5.30
CA PHE A 113 6.11 -1.26 5.71
C PHE A 113 6.04 -0.32 4.52
N ASN A 114 4.85 0.25 4.28
CA ASN A 114 4.65 1.07 3.09
C ASN A 114 4.21 2.54 3.29
N PHE A 115 3.95 2.94 4.52
CA PHE A 115 3.65 4.37 4.83
C PHE A 115 2.46 4.94 4.07
N GLU A 116 1.52 4.07 3.72
CA GLU A 116 0.35 4.46 2.92
CA GLU A 116 0.35 4.46 2.92
C GLU A 116 -0.81 4.98 3.75
N GLU A 117 -1.00 4.46 4.94
CA GLU A 117 -2.16 4.84 5.70
CA GLU A 117 -2.15 4.82 5.74
C GLU A 117 -1.87 5.62 7.01
N LEU A 118 -2.77 6.55 7.30
CA LEU A 118 -2.72 7.44 8.44
C LEU A 118 -3.98 7.26 9.27
N LEU A 119 -3.81 7.25 10.59
CA LEU A 119 -4.93 7.20 11.52
C LEU A 119 -5.52 8.60 11.60
N PRO A 120 -6.82 8.72 11.92
CA PRO A 120 -7.42 10.06 12.01
C PRO A 120 -6.75 10.91 13.07
N SER A 121 -6.61 12.20 12.78
CA SER A 121 -6.01 13.13 13.70
C SER A 121 -6.29 14.54 13.19
N ASN A 122 -6.41 15.47 14.12
CA ASN A 122 -6.62 16.86 13.76
C ASN A 122 -5.32 17.65 13.70
N ASP A 123 -4.22 17.09 14.20
CA ASP A 123 -3.01 17.89 14.31
C ASP A 123 -1.81 17.48 13.47
N TYR A 124 -1.60 16.19 13.32
CA TYR A 124 -0.40 15.71 12.65
C TYR A 124 -0.59 14.28 12.12
N ASP A 125 0.34 13.85 11.28
CA ASP A 125 0.27 12.54 10.70
C ASP A 125 0.69 11.47 11.68
N ILE A 126 -0.06 10.36 11.69
CA ILE A 126 0.19 9.18 12.46
C ILE A 126 0.13 7.99 11.49
N PHE A 127 1.25 7.32 11.28
CA PHE A 127 1.31 6.19 10.32
C PHE A 127 1.00 4.87 10.97
N TYR A 128 0.35 3.98 10.23
CA TYR A 128 0.10 2.63 10.72
C TYR A 128 0.16 1.64 9.58
N GLU A 129 0.28 0.37 9.93
CA GLU A 129 0.23 -0.73 9.00
C GLU A 129 -0.82 -1.69 9.52
N PHE A 130 -1.65 -2.18 8.62
CA PHE A 130 -2.62 -3.18 8.92
C PHE A 130 -2.64 -4.18 7.77
N GLN A 131 -2.19 -5.40 8.02
CA GLN A 131 -2.16 -6.45 6.98
C GLN A 131 -2.96 -7.62 7.55
N PRO A 132 -4.27 -7.71 7.25
CA PRO A 132 -5.12 -8.73 7.86
C PRO A 132 -4.77 -10.22 7.58
N GLY A 133 -4.31 -10.55 6.38
CA GLY A 133 -4.04 -11.95 6.01
C GLY A 133 -5.29 -12.84 5.84
N THR A 134 -5.11 -14.15 6.04
CA THR A 134 -6.19 -15.14 5.95
C THR A 134 -6.85 -15.33 7.30
N SER A 135 -7.94 -16.09 7.31
CA SER A 135 -8.60 -16.58 8.52
C SER A 135 -7.71 -17.51 9.35
N GLN A 136 -6.73 -18.13 8.72
CA GLN A 136 -5.80 -19.03 9.42
C GLN A 136 -4.50 -18.33 9.84
N GLU A 137 -4.27 -17.09 9.38
CA GLU A 137 -3.04 -16.35 9.71
C GLU A 137 -3.31 -15.17 10.63
N ILE A 138 -2.31 -14.81 11.44
CA ILE A 138 -2.46 -13.71 12.40
C ILE A 138 -2.29 -12.42 11.63
N SER A 139 -3.06 -11.40 12.01
CA SER A 139 -2.92 -10.10 11.39
C SER A 139 -1.59 -9.47 11.77
N LYS A 140 -1.10 -8.60 10.90
CA LYS A 140 0.16 -7.88 11.16
C LYS A 140 -0.23 -6.45 11.28
N VAL A 141 0.17 -5.83 12.37
CA VAL A 141 -0.25 -4.50 12.70
C VAL A 141 0.87 -3.69 13.34
N LEU A 142 0.84 -2.40 13.13
CA LEU A 142 1.80 -1.50 13.78
C LEU A 142 1.25 -0.12 13.74
N GLN A 143 1.40 0.59 14.84
CA GLN A 143 1.14 2.01 14.82
C GLN A 143 2.53 2.60 15.00
N TRP A 144 3.06 3.25 13.98
CA TRP A 144 4.34 3.89 14.12
C TRP A 144 4.26 5.05 15.10
N SER A 145 5.33 5.30 15.83
CA SER A 145 5.38 6.48 16.67
C SER A 145 6.34 7.50 16.07
N SER A 146 6.26 8.72 16.58
CA SER A 146 7.15 9.79 16.20
C SER A 146 7.18 10.82 17.32
N GLY A 147 7.97 11.86 17.11
CA GLY A 147 8.07 12.99 18.04
C GLY A 147 6.99 14.02 17.81
N ASN A 148 6.07 13.78 16.86
CA ASN A 148 5.03 14.78 16.59
C ASN A 148 4.25 15.28 17.83
N PRO A 149 3.82 14.38 18.74
CA PRO A 149 3.08 14.90 19.90
C PRO A 149 3.90 15.89 20.70
N GLY A 150 5.21 15.67 20.76
CA GLY A 150 6.11 16.59 21.43
C GLY A 150 6.21 17.90 20.66
N PHE A 151 6.33 17.83 19.35
CA PHE A 151 6.48 19.05 18.54
C PHE A 151 5.22 19.90 18.58
N LYS A 152 4.08 19.26 18.75
CA LYS A 152 2.84 20.04 18.86
C LYS A 152 2.95 21.08 20.00
N LEU A 153 3.56 20.70 21.11
CA LEU A 153 3.66 21.60 22.31
C LEU A 153 4.45 22.88 22.03
N THR A 154 5.31 22.86 21.01
CA THR A 154 6.13 24.01 20.68
C THR A 154 5.33 25.14 20.06
N GLY A 155 4.14 24.84 19.57
CA GLY A 155 3.29 25.82 18.88
C GLY A 155 3.88 26.30 17.55
N MSE A 156 4.91 25.64 17.04
CA MSE A 156 5.54 26.05 15.79
C MSE A 156 4.74 25.62 14.55
O MSE A 156 4.75 26.33 13.56
CB MSE A 156 6.98 25.51 15.68
CG MSE A 156 7.99 26.17 16.62
SE MSE A 156 8.23 28.05 16.32
CE MSE A 156 9.38 28.07 14.76
N ALA A 157 4.05 24.48 14.59
CA ALA A 157 3.32 24.00 13.42
C ALA A 157 1.98 24.68 13.24
N ASN A 158 1.70 25.13 12.02
CA ASN A 158 0.41 25.71 11.65
C ASN A 158 -0.51 24.68 10.97
N SER A 159 0.08 23.62 10.43
CA SER A 159 -0.68 22.55 9.80
C SER A 159 0.10 21.27 9.88
N LYS A 160 -0.52 20.20 9.42
CA LYS A 160 0.10 18.87 9.45
C LYS A 160 1.45 18.81 8.74
N THR A 161 1.58 19.57 7.67
CA THR A 161 2.78 19.56 6.84
C THR A 161 3.97 20.29 7.49
N ASP A 162 3.74 21.03 8.56
CA ASP A 162 4.83 21.73 9.27
C ASP A 162 5.55 20.85 10.29
N TYR A 163 5.05 19.64 10.54
CA TYR A 163 5.67 18.77 11.53
C TYR A 163 6.98 18.09 11.07
N PRO A 164 7.74 17.52 12.02
CA PRO A 164 8.97 16.83 11.63
C PRO A 164 8.72 15.51 10.91
N THR A 165 7.54 14.93 11.12
CA THR A 165 7.17 13.64 10.55
C THR A 165 5.87 13.84 9.79
N VAL A 166 5.97 13.70 8.47
CA VAL A 166 4.85 13.94 7.57
C VAL A 166 4.75 12.87 6.47
N GLN A 167 3.54 12.65 5.97
CA GLN A 167 3.35 11.75 4.82
C GLN A 167 3.47 12.60 3.55
N VAL A 168 4.16 12.11 2.54
CA VAL A 168 4.21 12.84 1.27
C VAL A 168 3.80 11.91 0.13
N ALA A 169 3.44 12.52 -0.99
CA ALA A 169 3.15 11.83 -2.24
C ALA A 169 4.43 11.99 -3.05
N ASN A 170 5.15 10.91 -3.31
CA ASN A 170 6.37 10.92 -4.10
C ASN A 170 6.09 10.73 -5.61
N GLY A 171 4.99 11.27 -6.10
CA GLY A 171 4.61 11.10 -7.49
C GLY A 171 4.35 9.64 -7.87
N PHE A 172 5.11 9.16 -8.83
CA PHE A 172 4.90 7.85 -9.43
C PHE A 172 5.12 6.69 -8.46
N ARG A 173 6.01 6.84 -7.51
CA ARG A 173 6.28 5.79 -6.51
C ARG A 173 5.28 5.78 -5.39
N GLY A 174 4.32 6.69 -5.39
CA GLY A 174 3.30 6.67 -4.33
C GLY A 174 3.67 7.31 -3.02
N LYS A 175 3.04 6.86 -1.96
CA LYS A 175 3.21 7.46 -0.66
C LYS A 175 4.48 7.07 0.05
N GLY A 176 5.00 8.00 0.82
CA GLY A 176 6.15 7.75 1.65
C GLY A 176 6.15 8.61 2.90
N VAL A 177 7.18 8.43 3.71
CA VAL A 177 7.36 9.28 4.88
C VAL A 177 8.43 10.32 4.56
N LYS A 178 8.19 11.55 5.04
CA LYS A 178 9.14 12.65 4.97
C LYS A 178 9.48 13.07 6.41
N LEU A 179 10.74 12.94 6.76
CA LEU A 179 11.28 13.33 8.06
C LEU A 179 12.14 14.57 7.86
N GLU A 180 11.79 15.68 8.51
CA GLU A 180 12.56 16.92 8.38
C GLU A 180 12.87 17.51 9.77
N THR A 181 14.13 17.82 10.03
CA THR A 181 14.55 18.43 11.30
C THR A 181 13.99 19.85 11.34
N ARG A 182 13.28 20.19 12.41
CA ARG A 182 12.64 21.52 12.48
C ARG A 182 13.14 22.40 13.61
N ASP A 183 12.98 23.69 13.40
CA ASP A 183 13.26 24.71 14.40
C ASP A 183 12.11 24.66 15.41
N THR A 184 12.44 24.58 16.69
CA THR A 184 11.43 24.52 17.76
C THR A 184 11.09 25.92 18.31
N GLY A 185 11.80 26.94 17.87
CA GLY A 185 11.53 28.32 18.30
C GLY A 185 11.86 28.66 19.75
N SER A 186 11.30 29.76 20.23
CA SER A 186 11.56 30.21 21.59
C SER A 186 11.09 29.20 22.63
N PHE A 187 9.99 28.50 22.35
CA PHE A 187 9.48 27.50 23.28
C PHE A 187 10.51 26.41 23.49
N GLY A 188 11.02 25.87 22.39
CA GLY A 188 12.04 24.84 22.48
C GLY A 188 13.28 25.35 23.23
N ALA A 189 13.67 26.60 22.95
CA ALA A 189 14.83 27.22 23.61
C ALA A 189 14.66 27.19 25.12
N MSE A 190 13.53 27.67 25.63
CA MSE A 190 13.20 27.66 27.06
CA MSE A 190 13.31 27.68 27.08
C MSE A 190 13.46 26.30 27.71
O MSE A 190 13.78 26.22 28.88
CB MSE A 190 11.71 27.98 27.30
CB MSE A 190 11.99 28.34 27.48
CG MSE A 190 11.32 29.37 27.67
CG MSE A 190 12.11 29.83 27.88
SE MSE A 190 9.36 29.56 27.74
SE MSE A 190 13.56 30.32 29.15
CE MSE A 190 8.75 27.78 28.01
CE MSE A 190 13.28 29.00 30.54
N VAL A 191 13.21 25.22 26.96
CA VAL A 191 13.40 23.86 27.52
C VAL A 191 14.66 23.14 26.99
N LYS A 192 15.55 23.93 26.38
CA LYS A 192 16.82 23.43 25.87
C LYS A 192 16.70 22.34 24.82
N MSE A 193 15.62 22.40 24.03
CA MSE A 193 15.36 21.49 22.90
C MSE A 193 15.29 22.40 21.66
O MSE A 193 14.22 22.76 21.15
CB MSE A 193 14.06 20.71 23.15
CG MSE A 193 14.13 19.93 24.47
SE MSE A 193 12.56 18.95 24.94
CE MSE A 193 12.24 18.12 23.25
N TYR A 194 16.47 22.73 21.17
CA TYR A 194 16.65 23.74 20.15
C TYR A 194 16.22 23.35 18.74
N ILE A 195 16.25 22.05 18.45
CA ILE A 195 15.76 21.54 17.17
C ILE A 195 14.94 20.28 17.43
N ALA A 196 14.17 19.86 16.44
CA ALA A 196 13.40 18.62 16.54
C ALA A 196 13.68 17.77 15.33
N ALA A 197 14.40 16.68 15.52
CA ALA A 197 14.64 15.74 14.43
C ALA A 197 13.32 15.08 13.98
N GLY A 198 13.19 14.82 12.70
CA GLY A 198 12.04 14.05 12.19
C GLY A 198 12.36 12.58 12.40
N ASN A 199 11.49 11.88 13.12
CA ASN A 199 11.69 10.49 13.35
C ASN A 199 10.43 9.67 13.14
N LEU A 200 10.64 8.37 13.08
CA LEU A 200 9.56 7.43 12.96
C LEU A 200 10.14 6.18 13.56
N PHE A 201 9.41 5.57 14.49
CA PHE A 201 9.94 4.42 15.17
C PHE A 201 8.89 3.45 15.72
N ILE A 202 9.31 2.20 15.89
CA ILE A 202 8.46 1.17 16.44
C ILE A 202 8.59 1.31 17.97
N GLY A 203 7.48 1.61 18.60
CA GLY A 203 7.46 1.72 20.05
C GLY A 203 6.40 2.70 20.50
N THR A 204 6.71 3.49 21.53
CA THR A 204 5.77 4.49 22.03
C THR A 204 6.47 5.77 22.38
N PHE A 205 5.72 6.84 22.32
CA PHE A 205 6.18 8.15 22.68
C PHE A 205 5.41 8.54 23.95
N GLU A 206 6.13 8.76 25.06
CA GLU A 206 5.51 9.13 26.34
C GLU A 206 5.48 10.64 26.38
N VAL A 207 4.36 11.23 26.00
CA VAL A 207 4.28 12.69 25.90
C VAL A 207 4.55 13.38 27.26
N GLY A 208 4.28 12.71 28.38
CA GLY A 208 4.57 13.27 29.73
C GLY A 208 6.06 13.59 29.92
N ASN A 209 6.94 12.84 29.24
CA ASN A 209 8.38 13.08 29.30
C ASN A 209 8.91 13.91 28.16
N ALA A 210 8.03 14.41 27.29
CA ALA A 210 8.46 15.08 26.06
C ALA A 210 9.37 16.25 26.26
N LEU A 211 9.18 16.98 27.35
CA LEU A 211 9.96 18.19 27.64
C LEU A 211 11.00 18.02 28.74
N THR A 212 10.76 17.13 29.69
CA THR A 212 11.70 16.94 30.80
C THR A 212 12.81 15.90 30.48
N ASP A 213 12.46 14.84 29.75
CA ASP A 213 13.40 13.78 29.41
C ASP A 213 13.07 13.28 28.01
N PRO A 214 13.32 14.09 26.99
CA PRO A 214 12.88 13.71 25.66
C PRO A 214 13.45 12.41 25.15
N ARG A 215 14.66 12.04 25.56
CA ARG A 215 15.22 10.78 25.14
C ARG A 215 14.56 9.58 25.85
N LYS A 216 14.01 9.81 27.03
CA LYS A 216 13.27 8.76 27.70
C LYS A 216 11.83 8.72 27.21
N ALA A 217 11.40 9.77 26.50
CA ALA A 217 10.06 9.79 25.92
C ALA A 217 9.93 8.79 24.75
N THR A 218 11.02 8.53 24.04
CA THR A 218 11.02 7.63 22.89
C THR A 218 11.36 6.24 23.38
N ASN A 219 10.35 5.38 23.46
CA ASN A 219 10.54 3.97 23.87
C ASN A 219 10.49 3.11 22.63
N PHE A 220 11.47 2.23 22.48
CA PHE A 220 11.59 1.44 21.28
C PHE A 220 11.32 -0.04 21.46
N GLY A 221 10.57 -0.57 20.49
CA GLY A 221 10.41 -2.02 20.34
C GLY A 221 9.14 -2.71 20.80
N PHE A 222 8.77 -3.76 20.08
CA PHE A 222 7.66 -4.67 20.51
C PHE A 222 8.11 -6.11 20.26
N GLN A 223 7.44 -7.05 20.91
CA GLN A 223 7.79 -8.45 20.83
C GLN A 223 7.85 -8.91 19.38
N PHE A 224 8.91 -9.64 19.07
CA PHE A 224 9.16 -10.13 17.74
C PHE A 224 9.65 -11.57 17.86
N TYR A 225 9.11 -12.43 16.98
CA TYR A 225 9.31 -13.86 17.08
C TYR A 225 10.15 -14.48 15.97
N LYS A 226 10.84 -13.69 15.16
CA LYS A 226 11.75 -14.26 14.15
C LYS A 226 13.13 -13.63 14.29
N ARG A 227 14.13 -14.19 13.61
CA ARG A 227 15.49 -13.67 13.63
C ARG A 227 15.67 -12.74 12.44
N PRO A 228 15.86 -11.44 12.69
CA PRO A 228 16.02 -10.53 11.57
C PRO A 228 17.39 -10.68 10.95
N LYS A 229 17.47 -10.54 9.65
CA LYS A 229 18.72 -10.67 8.91
C LYS A 229 19.12 -9.38 8.21
N THR A 230 18.16 -8.70 7.59
CA THR A 230 18.48 -7.51 6.82
C THR A 230 17.37 -6.50 6.90
N LEU A 231 17.72 -5.22 6.96
CA LEU A 231 16.77 -4.11 6.89
C LEU A 231 16.99 -3.46 5.51
N LYS A 232 15.96 -3.43 4.66
CA LYS A 232 16.07 -2.92 3.30
C LYS A 232 15.04 -1.88 3.01
N GLY A 233 15.30 -1.06 1.99
CA GLY A 233 14.35 -0.07 1.52
C GLY A 233 15.04 0.91 0.61
N HIS A 234 14.47 2.09 0.44
CA HIS A 234 15.06 3.11 -0.38
C HIS A 234 14.92 4.41 0.34
N TYR A 235 15.85 5.33 0.10
CA TYR A 235 15.81 6.62 0.73
C TYR A 235 16.43 7.71 -0.11
N LYS A 236 16.08 8.94 0.25
CA LYS A 236 16.71 10.15 -0.26
C LYS A 236 17.00 10.97 0.98
N PHE A 237 18.17 11.58 1.02
CA PHE A 237 18.58 12.44 2.11
C PHE A 237 19.23 13.74 1.61
N LYS A 238 18.89 14.88 2.22
CA LYS A 238 19.56 16.19 1.95
C LYS A 238 19.78 16.85 3.31
N ALA A 239 21.04 17.16 3.64
CA ALA A 239 21.37 17.81 4.91
C ALA A 239 20.97 19.29 4.88
N GLY A 240 20.57 19.82 6.02
CA GLY A 240 20.25 21.25 6.08
C GLY A 240 21.54 22.06 5.98
N ASP A 241 21.40 23.31 5.64
CA ASP A 241 22.54 24.20 5.39
C ASP A 241 23.33 24.55 6.63
N VAL A 242 22.62 24.89 7.70
CA VAL A 242 23.24 25.34 8.94
C VAL A 242 23.09 24.31 10.05
N TYR A 243 24.20 23.64 10.37
CA TYR A 243 24.25 22.69 11.46
C TYR A 243 24.33 23.45 12.78
N SER A 244 23.61 23.00 13.80
CA SER A 244 23.66 23.66 15.08
C SER A 244 23.85 22.67 16.20
N VAL A 245 24.48 23.15 17.28
CA VAL A 245 24.72 22.36 18.49
C VAL A 245 24.15 23.20 19.62
N GLU A 246 23.19 22.65 20.32
CA GLU A 246 22.51 23.37 21.39
C GLU A 246 22.13 24.78 20.98
N GLY A 247 21.52 24.90 19.80
CA GLY A 247 21.00 26.18 19.33
C GLY A 247 21.98 27.13 18.70
N LYS A 248 23.28 26.84 18.80
CA LYS A 248 24.27 27.72 18.21
C LYS A 248 24.86 27.16 16.91
N PRO A 249 24.84 27.97 15.84
CA PRO A 249 25.43 27.50 14.58
C PRO A 249 26.83 26.95 14.79
N GLN A 250 27.19 25.95 14.02
CA GLN A 250 28.50 25.32 14.12
C GLN A 250 28.97 24.73 12.82
N GLU A 251 30.14 25.14 12.39
CA GLU A 251 30.72 24.58 11.17
C GLU A 251 31.58 23.39 11.55
N GLY A 252 31.91 22.58 10.56
CA GLY A 252 32.81 21.42 10.71
C GLY A 252 32.18 20.04 10.71
N VAL A 253 30.87 20.00 10.90
CA VAL A 253 30.12 18.75 10.87
C VAL A 253 28.94 18.95 9.93
N ARG A 254 28.79 18.03 9.00
CA ARG A 254 27.68 18.04 8.06
C ARG A 254 26.68 17.04 8.60
N ASP A 255 25.41 17.40 8.58
CA ASP A 255 24.39 16.52 9.15
C ASP A 255 24.21 15.24 8.32
N LYS A 256 23.85 14.16 9.00
CA LYS A 256 23.56 12.86 8.42
C LYS A 256 22.29 12.30 9.02
N CYS A 257 21.54 11.52 8.22
CA CYS A 257 20.33 10.86 8.68
C CYS A 257 20.76 9.57 9.35
N ASP A 258 19.79 8.87 9.92
CA ASP A 258 20.06 7.60 10.56
C ASP A 258 18.91 6.66 10.23
N ILE A 259 19.25 5.38 10.08
CA ILE A 259 18.32 4.33 9.75
C ILE A 259 18.85 3.11 10.46
N TYR A 260 18.11 2.59 11.42
CA TYR A 260 18.58 1.40 12.11
C TYR A 260 17.44 0.54 12.66
N ALA A 261 17.81 -0.63 13.14
CA ALA A 261 16.89 -1.54 13.77
C ALA A 261 17.67 -2.30 14.84
N VAL A 262 16.99 -2.66 15.92
CA VAL A 262 17.57 -3.40 17.02
C VAL A 262 16.72 -4.59 17.41
N MSE A 263 17.38 -5.60 17.96
CA MSE A 263 16.69 -6.74 18.53
C MSE A 263 17.31 -6.80 19.94
O MSE A 263 18.53 -6.74 20.10
CB MSE A 263 17.03 -7.96 17.71
CG MSE A 263 16.26 -9.19 17.99
SE MSE A 263 14.45 -9.18 17.48
CE MSE A 263 14.40 -11.05 17.71
N TYR A 264 16.48 -6.84 20.98
CA TYR A 264 17.01 -6.87 22.33
C TYR A 264 16.18 -7.81 23.20
N GLU A 265 16.79 -8.26 24.27
CA GLU A 265 16.16 -9.20 25.19
C GLU A 265 15.34 -8.43 26.22
N ALA A 266 14.07 -8.78 26.36
CA ALA A 266 13.14 -8.17 27.29
C ALA A 266 12.64 -9.27 28.22
N GLU A 267 13.16 -9.30 29.44
CA GLU A 267 12.80 -10.35 30.42
C GLU A 267 11.29 -10.40 30.67
N ASN A 268 10.62 -9.27 30.55
CA ASN A 268 9.15 -9.22 30.62
C ASN A 268 8.71 -8.10 29.71
N ASN A 269 7.42 -8.08 29.37
CA ASN A 269 6.89 -7.13 28.42
C ASN A 269 6.98 -5.65 28.79
N SER A 270 7.27 -5.31 30.03
CA SER A 270 7.38 -3.90 30.38
C SER A 270 8.75 -3.32 29.98
N VAL A 271 9.73 -4.18 29.69
CA VAL A 271 11.08 -3.74 29.37
C VAL A 271 11.15 -3.16 27.95
N MSE A 272 11.61 -1.91 27.84
CA MSE A 272 11.84 -1.23 26.57
C MSE A 272 13.13 -0.45 26.60
O MSE A 272 13.54 0.02 27.64
CB MSE A 272 10.69 -0.27 26.24
CG MSE A 272 9.34 -0.99 26.13
SE MSE A 272 7.92 0.17 25.62
CE MSE A 272 8.31 0.08 23.74
N LEU A 273 13.77 -0.33 25.45
CA LEU A 273 14.93 0.52 25.30
C LEU A 273 14.39 1.94 25.02
N ASN A 274 15.23 2.93 25.18
CA ASN A 274 14.85 4.30 24.91
C ASN A 274 16.01 5.02 24.28
N GLY A 275 15.84 6.31 24.05
CA GLY A 275 16.85 7.14 23.40
C GLY A 275 18.19 7.28 24.09
N ASP A 276 18.26 6.95 25.37
CA ASP A 276 19.54 7.01 26.11
C ASP A 276 20.31 5.70 26.07
N ASP A 277 19.63 4.56 25.88
CA ASP A 277 20.33 3.29 25.94
C ASP A 277 20.16 2.36 24.73
N VAL A 278 19.57 2.85 23.65
CA VAL A 278 19.28 2.00 22.49
C VAL A 278 20.52 1.38 21.87
N PHE A 279 21.66 2.07 21.90
CA PHE A 279 22.90 1.49 21.34
C PHE A 279 23.83 0.89 22.38
N THR A 280 23.63 1.23 23.64
CA THR A 280 24.55 0.80 24.68
C THR A 280 24.03 -0.25 25.65
N SER A 281 22.71 -0.46 25.72
CA SER A 281 22.15 -1.44 26.68
C SER A 281 22.70 -2.85 26.50
N ASP A 282 23.00 -3.50 27.62
CA ASP A 282 23.44 -4.88 27.63
C ASP A 282 22.34 -5.85 27.15
N LYS A 283 21.12 -5.35 27.02
CA LYS A 283 20.03 -6.18 26.54
C LYS A 283 20.08 -6.35 25.00
N LEU A 284 20.79 -5.46 24.32
CA LEU A 284 20.88 -5.42 22.86
C LEU A 284 21.61 -6.66 22.34
N VAL A 285 20.96 -7.47 21.50
CA VAL A 285 21.62 -8.65 20.93
C VAL A 285 22.00 -8.51 19.44
N SER A 286 21.27 -7.69 18.70
CA SER A 286 21.50 -7.53 17.28
C SER A 286 21.23 -6.10 16.88
N LEU A 287 22.03 -5.58 15.96
CA LEU A 287 21.90 -4.22 15.48
C LEU A 287 22.16 -4.11 13.96
N ALA A 288 21.27 -3.40 13.27
CA ALA A 288 21.39 -3.11 11.83
C ALA A 288 21.38 -1.61 11.78
N ARG A 289 22.48 -1.01 11.39
CA ARG A 289 22.58 0.44 11.34
C ARG A 289 23.36 0.89 10.12
N ILE A 290 22.79 1.84 9.40
CA ILE A 290 23.41 2.36 8.22
C ILE A 290 24.77 2.95 8.62
N LYS A 291 25.79 2.65 7.84
CA LYS A 291 27.12 3.21 8.09
C LYS A 291 27.14 4.68 7.68
N PRO A 292 27.63 5.57 8.56
CA PRO A 292 27.69 7.00 8.21
C PRO A 292 28.40 7.28 6.87
N GLU A 293 29.49 6.59 6.60
CA GLU A 293 30.24 6.77 5.33
C GLU A 293 29.40 6.35 4.12
N ASP A 294 28.37 5.52 4.33
CA ASP A 294 27.55 5.07 3.21
C ASP A 294 26.41 6.01 2.88
N VAL A 295 26.10 6.96 3.77
CA VAL A 295 24.99 7.87 3.56
C VAL A 295 25.29 8.83 2.41
N VAL A 296 24.40 8.96 1.44
CA VAL A 296 24.65 9.87 0.33
C VAL A 296 23.54 10.88 0.24
N GLU A 297 23.83 12.01 -0.40
CA GLU A 297 22.82 13.02 -0.66
C GLU A 297 22.54 13.04 -2.15
N SER A 298 21.31 12.74 -2.53
CA SER A 298 20.93 12.68 -3.95
C SER A 298 19.44 12.93 -4.16
N ASP A 299 19.08 13.39 -5.35
CA ASP A 299 17.67 13.55 -5.73
C ASP A 299 17.14 12.25 -6.28
N GLN A 300 18.01 11.25 -6.46
CA GLN A 300 17.63 9.92 -6.94
CA GLN A 300 17.58 9.93 -6.92
C GLN A 300 17.45 9.02 -5.70
N TRP A 301 16.51 8.10 -5.75
CA TRP A 301 16.32 7.14 -4.70
C TRP A 301 17.56 6.25 -4.62
N THR A 302 17.96 5.85 -3.42
CA THR A 302 19.11 4.97 -3.23
C THR A 302 18.65 3.78 -2.41
N ASP A 303 19.09 2.59 -2.79
CA ASP A 303 18.75 1.37 -2.07
C ASP A 303 19.53 1.34 -0.79
N PHE A 304 18.93 0.80 0.27
CA PHE A 304 19.72 0.50 1.47
C PHE A 304 19.43 -0.96 1.80
N GLU A 305 20.47 -1.65 2.25
CA GLU A 305 20.38 -3.03 2.64
C GLU A 305 21.36 -3.19 3.81
N ILE A 306 20.84 -3.12 5.02
CA ILE A 306 21.68 -3.09 6.21
C ILE A 306 21.58 -4.43 6.93
N PRO A 307 22.70 -5.14 7.04
CA PRO A 307 22.61 -6.39 7.75
C PRO A 307 22.53 -6.23 9.29
N PHE A 308 21.81 -7.13 9.96
CA PHE A 308 21.76 -7.18 11.39
C PHE A 308 23.03 -7.88 11.84
N GLU A 309 23.83 -7.21 12.67
CA GLU A 309 25.08 -7.83 13.17
C GLU A 309 24.93 -8.14 14.66
N PRO A 310 25.44 -9.28 15.12
CA PRO A 310 25.40 -9.53 16.58
C PRO A 310 26.09 -8.40 17.36
N VAL A 311 25.63 -8.13 18.57
CA VAL A 311 26.23 -7.11 19.42
C VAL A 311 27.01 -7.83 20.50
N LYS A 312 28.29 -7.48 20.62
CA LYS A 312 29.22 -8.10 21.58
C LYS A 312 29.13 -9.62 21.62
N GLY A 313 29.03 -10.22 20.44
CA GLY A 313 28.99 -11.67 20.30
C GLY A 313 27.75 -12.39 20.80
N ARG A 314 26.70 -11.64 21.18
CA ARG A 314 25.47 -12.24 21.72
C ARG A 314 24.69 -12.99 20.67
N VAL A 315 23.91 -13.98 21.08
CA VAL A 315 23.08 -14.76 20.18
C VAL A 315 21.60 -14.76 20.56
N ILE A 316 20.73 -14.90 19.57
CA ILE A 316 19.29 -15.02 19.80
C ILE A 316 19.04 -16.49 20.14
N ASP A 317 18.40 -16.74 21.28
CA ASP A 317 18.11 -18.10 21.75
C ASP A 317 16.72 -18.55 21.26
N ASP A 318 16.65 -19.76 20.72
CA ASP A 318 15.42 -20.32 20.16
C ASP A 318 14.23 -20.32 21.09
N THR A 319 14.41 -20.86 22.29
CA THR A 319 13.34 -20.98 23.27
C THR A 319 12.86 -19.60 23.70
N LYS A 320 13.81 -18.72 23.98
CA LYS A 320 13.44 -17.35 24.37
C LYS A 320 12.71 -16.65 23.24
N LEU A 321 13.20 -16.82 22.02
CA LEU A 321 12.58 -16.20 20.83
C LEU A 321 11.12 -16.66 20.72
N LYS A 322 10.91 -17.97 20.80
CA LYS A 322 9.56 -18.55 20.73
CA LYS A 322 9.55 -18.53 20.71
C LYS A 322 8.68 -18.06 21.86
N ASN A 323 9.27 -17.86 23.05
CA ASN A 323 8.52 -17.39 24.21
C ASN A 323 8.30 -15.88 24.28
N GLY A 324 8.67 -15.14 23.25
CA GLY A 324 8.41 -13.69 23.21
C GLY A 324 9.33 -12.87 24.08
N LYS A 325 10.56 -13.35 24.28
CA LYS A 325 11.51 -12.64 25.12
C LYS A 325 12.41 -11.68 24.37
N TYR A 326 12.18 -11.49 23.07
CA TYR A 326 12.95 -10.53 22.30
C TYR A 326 12.02 -9.53 21.69
N LYS A 327 12.49 -8.29 21.58
CA LYS A 327 11.76 -7.20 20.98
C LYS A 327 12.56 -6.58 19.84
N LEU A 328 11.86 -6.10 18.83
CA LEU A 328 12.48 -5.45 17.67
C LEU A 328 12.01 -4.02 17.61
N GLY A 329 12.91 -3.15 17.23
CA GLY A 329 12.60 -1.77 16.92
C GLY A 329 13.24 -1.39 15.59
N ILE A 330 12.59 -0.46 14.88
CA ILE A 330 13.10 0.16 13.67
C ILE A 330 12.97 1.63 13.94
N VAL A 331 14.00 2.38 13.57
CA VAL A 331 14.05 3.82 13.78
C VAL A 331 14.60 4.52 12.56
N LEU A 332 13.93 5.59 12.17
CA LEU A 332 14.33 6.41 11.07
C LEU A 332 14.44 7.81 11.66
N SER A 333 15.51 8.52 11.30
CA SER A 333 15.68 9.91 11.75
C SER A 333 16.38 10.78 10.72
N SER A 334 15.92 12.02 10.60
CA SER A 334 16.52 12.97 9.69
C SER A 334 17.88 13.50 10.18
N SER A 335 18.15 13.43 11.49
CA SER A 335 19.43 13.94 12.08
C SER A 335 19.92 12.91 13.07
N VAL A 336 21.02 12.26 12.73
CA VAL A 336 21.56 11.17 13.55
C VAL A 336 21.75 11.52 15.04
N ASP A 337 22.18 12.74 15.34
CA ASP A 337 22.38 13.18 16.74
C ASP A 337 21.34 14.22 17.15
N GLY A 338 20.26 14.27 16.38
CA GLY A 338 19.15 15.18 16.66
C GLY A 338 18.51 15.03 18.04
N ALA A 339 18.56 13.82 18.61
CA ALA A 339 18.02 13.59 19.96
C ALA A 339 18.84 14.32 21.03
N TYR A 340 20.09 14.72 20.71
CA TYR A 340 20.96 15.51 21.59
C TYR A 340 21.02 16.95 21.09
N PHE A 341 20.10 17.30 20.20
CA PHE A 341 20.01 18.66 19.65
C PHE A 341 21.22 19.14 18.88
N LYS A 342 21.82 18.18 18.17
CA LYS A 342 22.91 18.42 17.26
C LYS A 342 22.44 17.99 15.87
N GLY A 343 22.30 18.93 14.96
CA GLY A 343 21.83 18.64 13.61
C GLY A 343 21.50 19.93 12.92
N ALA A 344 21.04 19.83 11.67
CA ALA A 344 20.71 21.00 10.86
C ALA A 344 19.22 21.08 10.59
N VAL A 345 18.62 22.22 10.92
CA VAL A 345 17.25 22.48 10.55
C VAL A 345 17.19 22.32 9.02
N GLY A 346 16.17 21.64 8.50
CA GLY A 346 16.05 21.42 7.07
C GLY A 346 16.60 20.08 6.61
N SER A 347 17.38 19.39 7.42
CA SER A 347 17.79 18.04 7.02
C SER A 347 16.54 17.22 6.79
N THR A 348 16.48 16.55 5.64
CA THR A 348 15.30 15.82 5.24
C THR A 348 15.61 14.43 4.76
N LEU A 349 14.93 13.43 5.33
CA LEU A 349 15.05 12.03 4.95
C LEU A 349 13.70 11.57 4.44
N TYR A 350 13.70 11.04 3.21
CA TYR A 350 12.52 10.46 2.61
C TYR A 350 12.76 8.97 2.55
N VAL A 351 11.75 8.17 2.91
CA VAL A 351 11.81 6.71 2.82
C VAL A 351 10.48 6.29 2.21
N ASP A 352 10.51 5.47 1.17
CA ASP A 352 9.27 5.09 0.45
C ASP A 352 8.73 3.75 0.93
N GLU A 353 9.64 2.92 1.42
CA GLU A 353 9.30 1.57 1.83
C GLU A 353 10.43 1.00 2.66
N VAL A 354 10.07 0.09 3.56
CA VAL A 354 11.04 -0.62 4.37
C VAL A 354 10.59 -2.08 4.44
N GLU A 355 11.56 -2.96 4.41
CA GLU A 355 11.30 -4.36 4.50
C GLU A 355 12.31 -4.99 5.47
N LEU A 356 11.81 -5.85 6.34
CA LEU A 356 12.65 -6.63 7.23
C LEU A 356 12.75 -8.04 6.67
N ILE A 357 13.95 -8.48 6.30
CA ILE A 357 14.17 -9.85 5.80
C ILE A 357 14.62 -10.63 7.02
N CYS A 358 13.99 -11.78 7.26
CA CYS A 358 14.28 -12.65 8.38
C CYS A 358 14.93 -13.94 7.93
N GLU A 359 15.53 -14.66 8.85
CA GLU A 359 16.22 -15.93 8.54
C GLU A 359 15.25 -17.09 8.55
N ASP A 360 15.80 -18.28 8.27
CA ASP A 360 15.06 -19.55 8.23
C ASP A 360 14.29 -19.67 6.92
N ALA B 16 5.88 20.13 -25.37
CA ALA B 16 5.93 19.05 -24.32
C ALA B 16 5.34 17.70 -24.78
N ILE B 17 5.69 16.61 -24.09
CA ILE B 17 5.15 15.27 -24.39
C ILE B 17 4.08 14.98 -23.35
N ASP B 18 2.84 14.79 -23.81
CA ASP B 18 1.68 14.62 -22.94
C ASP B 18 1.39 13.16 -22.58
N ALA B 19 1.77 12.24 -23.46
CA ALA B 19 1.61 10.82 -23.20
C ALA B 19 2.63 10.08 -24.03
N CYS B 20 2.81 8.80 -23.75
CA CYS B 20 3.75 8.00 -24.51
C CYS B 20 3.31 6.54 -24.41
N THR B 21 2.97 5.94 -25.54
CA THR B 21 2.49 4.55 -25.56
C THR B 21 3.27 3.76 -26.61
N GLY B 22 3.02 2.46 -26.70
CA GLY B 22 3.72 1.61 -27.65
C GLY B 22 3.31 0.16 -27.56
N ASP B 23 3.64 -0.62 -28.59
CA ASP B 23 3.29 -2.05 -28.65
C ASP B 23 3.75 -2.89 -27.48
N ASP B 24 4.97 -2.65 -27.00
CA ASP B 24 5.50 -3.43 -25.87
C ASP B 24 5.35 -2.69 -24.52
N VAL B 25 4.93 -1.42 -24.57
CA VAL B 25 4.86 -0.56 -23.39
C VAL B 25 3.72 -0.89 -22.47
N GLN B 26 4.02 -1.33 -21.25
CA GLN B 26 3.02 -1.65 -20.21
CA GLN B 26 2.94 -1.63 -20.32
C GLN B 26 2.59 -0.41 -19.42
N LEU B 27 3.49 0.55 -19.28
CA LEU B 27 3.22 1.76 -18.49
C LEU B 27 4.33 2.75 -18.76
N ALA B 28 3.97 4.04 -18.83
CA ALA B 28 4.96 5.09 -19.02
C ALA B 28 4.85 6.10 -17.91
N ASN B 29 5.99 6.58 -17.42
CA ASN B 29 6.06 7.64 -16.44
C ASN B 29 6.79 8.86 -17.01
N ILE B 30 6.03 9.91 -17.31
CA ILE B 30 6.58 11.17 -17.82
C ILE B 30 6.86 12.10 -16.65
N ASN B 31 8.11 12.47 -16.49
CA ASN B 31 8.50 13.42 -15.44
C ASN B 31 8.66 14.76 -16.14
N ALA B 32 7.61 15.57 -16.07
CA ALA B 32 7.56 16.90 -16.70
C ALA B 32 8.71 17.84 -16.29
N ASP B 33 9.30 17.62 -15.12
CA ASP B 33 10.37 18.49 -14.59
C ASP B 33 11.78 18.15 -15.06
N SER B 34 12.12 16.85 -15.09
CA SER B 34 13.46 16.41 -15.54
C SER B 34 13.53 16.17 -17.06
N LYS B 35 12.35 16.05 -17.68
CA LYS B 35 12.22 15.73 -19.10
C LYS B 35 12.69 14.28 -19.35
N LEU B 36 12.55 13.43 -18.33
CA LEU B 36 12.92 12.04 -18.46
C LEU B 36 11.62 11.30 -18.50
N ILE B 37 11.51 10.36 -19.44
CA ILE B 37 10.35 9.51 -19.52
C ILE B 37 10.84 8.09 -19.39
N ASN B 38 10.30 7.35 -18.42
CA ASN B 38 10.63 5.95 -18.29
C ASN B 38 9.47 5.17 -18.86
N VAL B 39 9.79 4.25 -19.78
CA VAL B 39 8.79 3.44 -20.45
C VAL B 39 9.07 2.00 -20.04
N TYR B 40 8.08 1.36 -19.42
CA TYR B 40 8.25 0.00 -18.92
C TYR B 40 7.72 -0.99 -19.95
N VAL B 41 8.57 -1.93 -20.37
CA VAL B 41 8.19 -2.91 -21.41
C VAL B 41 8.36 -4.33 -20.90
N ASN B 42 7.62 -5.26 -21.52
CA ASN B 42 7.70 -6.66 -21.12
C ASN B 42 9.13 -7.16 -21.26
N LYS B 43 9.45 -8.09 -20.39
CA LYS B 43 10.79 -8.63 -20.28
C LYS B 43 11.38 -9.17 -21.60
N GLY B 44 10.53 -9.59 -22.54
CA GLY B 44 10.98 -10.12 -23.85
C GLY B 44 10.83 -9.23 -25.08
N ALA B 45 10.62 -7.94 -24.90
CA ALA B 45 10.47 -7.03 -26.04
C ALA B 45 11.79 -6.90 -26.82
N ASP B 46 11.68 -6.62 -28.12
CA ASP B 46 12.87 -6.40 -28.94
C ASP B 46 13.25 -4.94 -28.77
N LEU B 47 14.27 -4.69 -27.94
CA LEU B 47 14.71 -3.32 -27.67
C LEU B 47 15.20 -2.60 -28.93
N SER B 48 15.68 -3.36 -29.93
CA SER B 48 16.18 -2.76 -31.16
C SER B 48 15.06 -2.33 -32.15
N LYS B 49 13.82 -2.75 -31.89
CA LYS B 49 12.68 -2.43 -32.77
C LYS B 49 11.47 -2.07 -31.95
N GLN B 50 11.50 -0.89 -31.35
CA GLN B 50 10.38 -0.42 -30.54
C GLN B 50 9.44 0.52 -31.27
N LYS B 51 8.14 0.20 -31.26
CA LYS B 51 7.11 1.05 -31.83
C LYS B 51 6.54 1.89 -30.70
N LEU B 52 6.62 3.20 -30.83
CA LEU B 52 6.17 4.15 -29.80
C LEU B 52 5.38 5.30 -30.40
N GLU B 53 4.34 5.75 -29.69
CA GLU B 53 3.56 6.93 -30.10
C GLU B 53 3.60 7.94 -28.99
N PHE B 54 3.63 9.23 -29.36
CA PHE B 54 3.65 10.33 -28.40
C PHE B 54 2.49 11.27 -28.68
N VAL B 55 1.79 11.72 -27.65
CA VAL B 55 0.75 12.71 -27.81
C VAL B 55 1.42 14.04 -27.46
N ILE B 56 1.32 15.03 -28.34
CA ILE B 56 1.92 16.36 -28.12
C ILE B 56 0.88 17.46 -28.41
N PRO B 57 1.16 18.73 -28.02
CA PRO B 57 0.21 19.85 -28.28
C PRO B 57 -0.10 20.11 -29.77
N GLU B 58 -1.36 20.44 -30.08
CA GLU B 58 -1.81 20.73 -31.44
C GLU B 58 -0.86 21.68 -32.13
N GLY B 59 -0.35 21.28 -33.30
CA GLY B 59 0.56 22.12 -34.08
C GLY B 59 2.04 21.79 -33.97
N ALA B 60 2.47 21.35 -32.79
CA ALA B 60 3.89 21.01 -32.58
C ALA B 60 4.23 19.67 -33.25
N THR B 61 5.51 19.47 -33.60
CA THR B 61 5.97 18.19 -34.17
C THR B 61 7.02 17.57 -33.26
N ILE B 62 7.11 16.24 -33.31
CA ILE B 62 8.04 15.46 -32.51
C ILE B 62 9.07 14.80 -33.42
N LYS B 63 10.35 15.14 -33.22
CA LYS B 63 11.45 14.60 -34.01
C LYS B 63 12.48 13.98 -33.10
N ILE B 64 12.86 12.73 -33.36
CA ILE B 64 13.94 12.07 -32.60
C ILE B 64 15.22 12.86 -32.94
N ASN B 65 16.08 13.11 -31.95
CA ASN B 65 17.27 13.98 -32.16
C ASN B 65 18.32 13.46 -33.11
N ASP B 66 18.39 12.15 -33.22
CA ASP B 66 19.36 11.53 -34.10
C ASP B 66 18.74 10.28 -34.70
N GLN B 67 19.45 9.68 -35.64
CA GLN B 67 19.03 8.44 -36.24
C GLN B 67 20.20 7.46 -36.23
N VAL B 68 19.91 6.20 -35.89
CA VAL B 68 20.94 5.14 -35.90
C VAL B 68 20.53 4.05 -36.89
N ALA B 69 21.52 3.26 -37.33
CA ALA B 69 21.32 2.21 -38.33
C ALA B 69 20.10 1.32 -38.03
N GLY B 70 19.86 0.99 -36.76
CA GLY B 70 18.75 0.13 -36.39
C GLY B 70 17.36 0.74 -36.53
N ASP B 71 17.28 2.06 -36.63
CA ASP B 71 15.98 2.73 -36.77
C ASP B 71 15.38 2.40 -38.12
N THR B 72 14.05 2.35 -38.14
CA THR B 72 13.28 2.15 -39.36
C THR B 72 12.22 3.26 -39.35
N GLU B 73 11.32 3.25 -40.33
CA GLU B 73 10.28 4.27 -40.41
C GLU B 73 9.18 4.04 -39.41
N ALA B 74 9.03 2.77 -38.98
CA ALA B 74 7.99 2.38 -38.03
C ALA B 74 8.48 2.15 -36.58
N THR B 75 9.77 1.87 -36.38
CA THR B 75 10.33 1.59 -35.04
C THR B 75 11.65 2.31 -34.75
N TYR B 76 11.96 2.45 -33.45
CA TYR B 76 13.23 3.03 -33.00
C TYR B 76 14.10 1.98 -32.28
N ASP B 77 15.40 2.14 -32.38
CA ASP B 77 16.37 1.22 -31.78
C ASP B 77 16.87 1.73 -30.42
N PHE B 78 16.44 1.05 -29.36
CA PHE B 78 16.82 1.36 -27.97
C PHE B 78 17.75 0.29 -27.38
N SER B 79 18.47 -0.41 -28.24
CA SER B 79 19.33 -1.51 -27.78
C SER B 79 20.72 -1.09 -27.33
N GLU B 80 21.14 0.15 -27.61
CA GLU B 80 22.47 0.62 -27.20
C GLU B 80 22.57 0.76 -25.69
N GLU B 81 23.82 0.89 -25.21
CA GLU B 81 24.19 0.99 -23.80
C GLU B 81 23.10 1.46 -22.81
N THR B 82 22.69 2.73 -22.91
CA THR B 82 21.73 3.33 -21.98
C THR B 82 20.25 3.00 -22.19
N HIS B 83 19.92 2.34 -23.31
CA HIS B 83 18.54 2.06 -23.68
C HIS B 83 17.70 3.34 -23.70
N SER B 84 18.30 4.43 -24.13
CA SER B 84 17.64 5.73 -24.17
C SER B 84 17.88 6.47 -25.46
N ARG B 85 16.92 7.32 -25.83
CA ARG B 85 17.04 8.18 -27.02
C ARG B 85 16.38 9.53 -26.69
N LYS B 86 16.94 10.60 -27.23
CA LYS B 86 16.44 11.94 -26.98
C LYS B 86 15.49 12.39 -28.10
N PHE B 87 14.45 13.13 -27.73
CA PHE B 87 13.47 13.67 -28.69
C PHE B 87 13.27 15.17 -28.45
N THR B 88 13.11 15.96 -29.51
CA THR B 88 12.81 17.41 -29.38
C THR B 88 11.38 17.70 -29.83
N VAL B 89 10.72 18.67 -29.17
CA VAL B 89 9.35 19.07 -29.51
C VAL B 89 9.26 20.59 -29.68
N THR B 90 9.23 21.09 -30.92
CA THR B 90 9.22 22.55 -31.24
C THR B 90 7.88 23.10 -31.87
N SER B 91 7.92 24.30 -32.48
CA SER B 91 6.76 24.97 -33.16
C SER B 91 5.82 24.01 -33.88
N LYS B 97 12.12 24.58 -27.66
CA LYS B 97 12.73 23.36 -28.17
C LYS B 97 13.14 22.42 -27.02
N PRO B 98 12.16 21.97 -26.20
CA PRO B 98 12.44 21.10 -25.05
C PRO B 98 12.86 19.66 -25.42
N VAL B 99 14.03 19.25 -24.96
CA VAL B 99 14.59 17.91 -25.20
C VAL B 99 14.25 16.89 -24.10
N TYR B 100 13.52 15.84 -24.48
CA TYR B 100 13.18 14.75 -23.59
C TYR B 100 14.12 13.58 -23.78
N THR B 101 14.32 12.79 -22.74
CA THR B 101 15.12 11.59 -22.79
C THR B 101 14.15 10.48 -22.52
N VAL B 102 13.94 9.60 -23.51
CA VAL B 102 13.05 8.45 -23.33
C VAL B 102 13.91 7.23 -23.04
N LYS B 103 13.66 6.58 -21.90
CA LYS B 103 14.42 5.39 -21.49
C LYS B 103 13.49 4.19 -21.36
N VAL B 104 13.88 3.07 -21.96
CA VAL B 104 13.09 1.85 -21.91
C VAL B 104 13.65 0.98 -20.78
N VAL B 105 12.75 0.52 -19.91
CA VAL B 105 13.10 -0.28 -18.76
C VAL B 105 12.34 -1.60 -18.79
N LEU B 106 13.07 -2.69 -18.59
CA LEU B 106 12.47 -4.00 -18.55
C LEU B 106 11.62 -4.10 -17.29
N ALA B 107 10.47 -4.73 -17.43
CA ALA B 107 9.52 -4.90 -16.36
C ALA B 107 8.78 -6.23 -16.49
N GLU B 108 8.37 -6.79 -15.36
CA GLU B 108 7.57 -8.02 -15.30
CA GLU B 108 7.56 -8.00 -15.34
C GLU B 108 6.27 -7.64 -14.63
N LEU B 109 5.27 -8.50 -14.70
CA LEU B 109 4.02 -8.25 -14.02
C LEU B 109 4.24 -8.43 -12.53
N PRO B 110 3.55 -7.64 -11.69
CA PRO B 110 3.64 -7.93 -10.26
C PRO B 110 2.89 -9.21 -9.92
N THR B 111 3.13 -9.70 -8.72
CA THR B 111 2.35 -10.80 -8.18
C THR B 111 1.56 -10.32 -6.95
N SER B 112 1.70 -9.05 -6.59
CA SER B 112 0.98 -8.47 -5.48
C SER B 112 0.33 -7.16 -5.94
N PHE B 113 -0.96 -6.97 -5.68
CA PHE B 113 -1.69 -5.80 -6.17
C PHE B 113 -2.45 -5.13 -5.04
N ASN B 114 -2.27 -3.81 -4.91
CA ASN B 114 -2.83 -3.10 -3.78
C ASN B 114 -3.78 -1.90 -4.07
N PHE B 115 -3.96 -1.54 -5.34
CA PHE B 115 -4.99 -0.51 -5.69
C PHE B 115 -4.81 0.85 -5.03
N GLU B 116 -3.57 1.15 -4.67
CA GLU B 116 -3.24 2.32 -3.91
C GLU B 116 -3.05 3.53 -4.82
N GLU B 117 -2.48 3.35 -6.02
CA GLU B 117 -2.18 4.50 -6.86
CA GLU B 117 -2.16 4.49 -6.87
C GLU B 117 -2.93 4.58 -8.18
N LEU B 118 -3.23 5.82 -8.58
CA LEU B 118 -3.95 6.18 -9.77
C LEU B 118 -3.09 7.05 -10.68
N LEU B 119 -3.18 6.82 -11.98
CA LEU B 119 -2.51 7.62 -12.97
C LEU B 119 -3.35 8.88 -13.15
N PRO B 120 -2.71 10.00 -13.52
CA PRO B 120 -3.51 11.21 -13.73
C PRO B 120 -4.58 11.03 -14.80
N SER B 121 -5.72 11.66 -14.58
CA SER B 121 -6.83 11.61 -15.52
C SER B 121 -7.83 12.65 -15.12
N ASN B 122 -8.54 13.19 -16.10
CA ASN B 122 -9.58 14.18 -15.82
C ASN B 122 -10.96 13.58 -15.72
N ASP B 123 -11.13 12.33 -16.11
CA ASP B 123 -12.47 11.76 -16.17
C ASP B 123 -12.80 10.62 -15.23
N TYR B 124 -11.85 9.73 -15.01
CA TYR B 124 -12.11 8.52 -14.23
C TYR B 124 -10.83 7.93 -13.65
N ASP B 125 -11.00 6.99 -12.73
CA ASP B 125 -9.85 6.38 -12.09
C ASP B 125 -9.18 5.36 -13.00
N ILE B 126 -7.85 5.36 -12.99
CA ILE B 126 -7.00 4.42 -13.72
C ILE B 126 -5.97 3.88 -12.70
N PHE B 127 -6.05 2.60 -12.39
CA PHE B 127 -5.16 2.00 -11.39
C PHE B 127 -3.86 1.50 -11.98
N TYR B 128 -2.77 1.60 -11.22
CA TYR B 128 -1.51 1.01 -11.64
C TYR B 128 -0.72 0.47 -10.45
N GLU B 129 0.27 -0.36 -10.74
CA GLU B 129 1.21 -0.88 -9.77
C GLU B 129 2.59 -0.59 -10.28
N PHE B 130 3.43 -0.10 -9.40
CA PHE B 130 4.80 0.11 -9.68
C PHE B 130 5.62 -0.33 -8.49
N GLN B 131 6.43 -1.38 -8.64
CA GLN B 131 7.27 -1.89 -7.57
C GLN B 131 8.70 -1.91 -8.12
N PRO B 132 9.47 -0.84 -7.85
CA PRO B 132 10.82 -0.75 -8.44
C PRO B 132 11.76 -1.84 -8.02
N GLY B 133 12.61 -2.26 -8.95
CA GLY B 133 13.61 -3.30 -8.70
C GLY B 133 14.88 -2.74 -8.09
N THR B 134 15.57 -3.51 -7.23
CA THR B 134 16.85 -3.06 -6.70
C THR B 134 17.79 -3.21 -7.89
N SER B 135 19.04 -2.82 -7.71
CA SER B 135 19.96 -2.78 -8.84
C SER B 135 20.07 -4.07 -9.62
N GLN B 136 19.84 -5.22 -8.97
CA GLN B 136 19.94 -6.51 -9.66
C GLN B 136 18.57 -7.17 -9.96
N GLU B 137 17.46 -6.52 -9.58
CA GLU B 137 16.10 -7.05 -9.83
C GLU B 137 15.29 -6.22 -10.84
N ILE B 138 14.40 -6.87 -11.56
CA ILE B 138 13.59 -6.19 -12.56
C ILE B 138 12.42 -5.54 -11.84
N SER B 139 12.02 -4.35 -12.30
CA SER B 139 10.86 -3.68 -11.74
CA SER B 139 10.87 -3.69 -11.73
C SER B 139 9.59 -4.47 -12.10
N LYS B 140 8.55 -4.30 -11.30
CA LYS B 140 7.27 -4.96 -11.54
C LYS B 140 6.28 -3.84 -11.75
N VAL B 141 5.53 -3.92 -12.85
CA VAL B 141 4.67 -2.84 -13.26
C VAL B 141 3.39 -3.34 -13.91
N LEU B 142 2.30 -2.60 -13.77
CA LEU B 142 1.03 -2.93 -14.41
C LEU B 142 0.16 -1.71 -14.45
N GLN B 143 -0.49 -1.50 -15.58
CA GLN B 143 -1.51 -0.48 -15.65
C GLN B 143 -2.78 -1.30 -15.82
N TRP B 144 -3.63 -1.34 -14.81
CA TRP B 144 -4.89 -2.07 -14.92
C TRP B 144 -5.81 -1.39 -15.91
N SER B 145 -6.64 -2.16 -16.57
CA SER B 145 -7.65 -1.62 -17.47
C SER B 145 -9.05 -1.82 -16.88
N SER B 146 -10.01 -1.12 -17.46
CA SER B 146 -11.40 -1.25 -17.07
C SER B 146 -12.28 -0.78 -18.20
N GLY B 147 -13.59 -0.88 -17.99
CA GLY B 147 -14.56 -0.43 -18.95
C GLY B 147 -14.86 1.05 -18.83
N ASN B 148 -14.15 1.76 -17.95
CA ASN B 148 -14.42 3.20 -17.78
C ASN B 148 -14.42 4.02 -19.09
N PRO B 149 -13.44 3.79 -20.00
CA PRO B 149 -13.47 4.63 -21.24
C PRO B 149 -14.77 4.44 -22.01
N GLY B 150 -15.31 3.23 -21.95
CA GLY B 150 -16.58 2.93 -22.58
C GLY B 150 -17.73 3.61 -21.88
N PHE B 151 -17.71 3.60 -20.56
CA PHE B 151 -18.80 4.21 -19.81
C PHE B 151 -18.82 5.71 -19.98
N LYS B 152 -17.66 6.30 -20.19
CA LYS B 152 -17.62 7.75 -20.41
C LYS B 152 -18.54 8.14 -21.56
N LEU B 153 -18.58 7.33 -22.62
CA LEU B 153 -19.40 7.64 -23.81
C LEU B 153 -20.90 7.70 -23.51
N THR B 154 -21.35 7.06 -22.44
CA THR B 154 -22.78 7.03 -22.12
C THR B 154 -23.27 8.37 -21.60
N GLY B 155 -22.33 9.23 -21.19
CA GLY B 155 -22.65 10.54 -20.62
C GLY B 155 -23.35 10.44 -19.27
N MSE B 156 -23.40 9.24 -18.68
CA MSE B 156 -24.08 9.06 -17.39
C MSE B 156 -23.28 9.59 -16.20
O MSE B 156 -23.85 10.09 -15.27
CB MSE B 156 -24.45 7.58 -17.16
CG MSE B 156 -25.57 7.04 -18.05
SE MSE B 156 -27.28 7.88 -17.73
CE MSE B 156 -27.77 6.97 -16.10
N ALA B 157 -21.94 9.48 -16.24
CA ALA B 157 -21.11 9.94 -15.11
C ALA B 157 -20.91 11.45 -15.05
N ASN B 158 -21.11 12.04 -13.87
CA ASN B 158 -20.83 13.47 -13.60
C ASN B 158 -19.49 13.69 -12.93
N SER B 159 -18.94 12.67 -12.29
CA SER B 159 -17.64 12.76 -11.67
C SER B 159 -17.00 11.38 -11.65
N LYS B 160 -15.76 11.33 -11.19
CA LYS B 160 -15.00 10.09 -11.15
C LYS B 160 -15.71 9.00 -10.37
N THR B 161 -16.44 9.39 -9.33
CA THR B 161 -17.11 8.44 -8.44
C THR B 161 -18.38 7.84 -9.02
N ASP B 162 -18.87 8.36 -10.13
CA ASP B 162 -20.06 7.79 -10.78
C ASP B 162 -19.72 6.62 -11.70
N TYR B 163 -18.45 6.32 -11.92
CA TYR B 163 -18.07 5.25 -12.85
C TYR B 163 -18.25 3.86 -12.28
N PRO B 164 -18.19 2.85 -13.15
CA PRO B 164 -18.30 1.47 -12.65
C PRO B 164 -17.06 1.00 -11.90
N THR B 165 -15.91 1.61 -12.19
CA THR B 165 -14.63 1.25 -11.58
C THR B 165 -14.08 2.51 -10.93
N VAL B 166 -14.00 2.46 -9.60
CA VAL B 166 -13.58 3.59 -8.77
C VAL B 166 -12.64 3.15 -7.64
N GLN B 167 -11.77 4.06 -7.21
CA GLN B 167 -10.93 3.81 -6.06
C GLN B 167 -11.69 4.31 -4.83
N VAL B 168 -11.66 3.54 -3.76
CA VAL B 168 -12.32 3.98 -2.52
C VAL B 168 -11.37 3.91 -1.37
N ALA B 169 -11.67 4.69 -0.32
CA ALA B 169 -10.93 4.64 0.95
C ALA B 169 -11.85 3.78 1.84
N ASN B 170 -11.44 2.55 2.16
CA ASN B 170 -12.24 1.61 2.98
C ASN B 170 -12.04 1.80 4.49
N GLY B 171 -11.82 3.04 4.92
CA GLY B 171 -11.49 3.31 6.31
C GLY B 171 -10.16 2.68 6.76
N PHE B 172 -10.22 1.84 7.77
CA PHE B 172 -9.07 1.24 8.41
C PHE B 172 -8.25 0.36 7.49
N ARG B 173 -8.87 -0.32 6.55
CA ARG B 173 -8.14 -1.17 5.61
C ARG B 173 -7.52 -0.41 4.47
N GLY B 174 -7.66 0.91 4.44
CA GLY B 174 -7.02 1.69 3.39
C GLY B 174 -7.69 1.65 2.03
N LYS B 175 -6.90 1.84 1.00
CA LYS B 175 -7.44 1.92 -0.37
C LYS B 175 -7.81 0.60 -0.97
N GLY B 176 -8.82 0.66 -1.83
CA GLY B 176 -9.24 -0.51 -2.56
C GLY B 176 -9.95 -0.11 -3.86
N VAL B 177 -10.34 -1.12 -4.61
CA VAL B 177 -11.11 -0.92 -5.80
C VAL B 177 -12.56 -1.22 -5.48
N LYS B 178 -13.45 -0.36 -5.98
CA LYS B 178 -14.89 -0.53 -5.90
C LYS B 178 -15.42 -0.68 -7.32
N LEU B 179 -16.03 -1.83 -7.59
CA LEU B 179 -16.66 -2.14 -8.84
C LEU B 179 -18.17 -2.16 -8.63
N GLU B 180 -18.91 -1.31 -9.35
CA GLU B 180 -20.35 -1.23 -9.21
C GLU B 180 -21.02 -1.25 -10.57
N THR B 181 -21.99 -2.15 -10.75
CA THR B 181 -22.74 -2.25 -12.00
C THR B 181 -23.60 -1.01 -12.14
N ARG B 182 -23.49 -0.30 -13.25
CA ARG B 182 -24.23 0.94 -13.40
C ARG B 182 -25.27 0.90 -14.50
N ASP B 183 -26.24 1.79 -14.35
CA ASP B 183 -27.25 2.02 -15.34
C ASP B 183 -26.60 2.88 -16.42
N THR B 184 -26.76 2.48 -17.68
CA THR B 184 -26.18 3.19 -18.82
C THR B 184 -27.14 4.20 -19.45
N GLY B 185 -28.39 4.21 -19.00
CA GLY B 185 -29.37 5.16 -19.48
C GLY B 185 -29.85 4.95 -20.90
N SER B 186 -30.47 5.98 -21.44
CA SER B 186 -31.04 5.90 -22.79
C SER B 186 -29.95 5.63 -23.84
N PHE B 187 -28.75 6.20 -23.65
CA PHE B 187 -27.63 5.97 -24.57
C PHE B 187 -27.31 4.48 -24.65
N GLY B 188 -27.13 3.86 -23.49
CA GLY B 188 -26.85 2.43 -23.45
C GLY B 188 -27.96 1.63 -24.10
N ALA B 189 -29.21 2.02 -23.81
CA ALA B 189 -30.38 1.37 -24.37
C ALA B 189 -30.33 1.36 -25.91
N MSE B 190 -30.10 2.53 -26.53
CA MSE B 190 -29.94 2.67 -27.99
CA MSE B 190 -30.05 2.58 -28.00
C MSE B 190 -28.98 1.66 -28.59
O MSE B 190 -29.14 1.25 -29.74
CB MSE B 190 -29.38 4.06 -28.35
CB MSE B 190 -29.95 4.00 -28.57
CG MSE B 190 -30.33 5.15 -28.77
CG MSE B 190 -31.32 4.64 -28.89
SE MSE B 190 -29.37 6.88 -28.97
SE MSE B 190 -32.49 3.60 -30.10
CE MSE B 190 -27.54 6.28 -29.01
CE MSE B 190 -31.20 3.04 -31.45
N VAL B 191 -27.92 1.32 -27.85
CA VAL B 191 -26.92 0.38 -28.35
C VAL B 191 -27.02 -1.00 -27.69
N LYS B 192 -28.16 -1.26 -27.05
CA LYS B 192 -28.46 -2.56 -26.42
C LYS B 192 -27.45 -2.99 -25.36
N MSE B 193 -26.89 -1.98 -24.66
CA MSE B 193 -25.97 -2.18 -23.54
C MSE B 193 -26.67 -1.54 -22.33
O MSE B 193 -26.38 -0.41 -21.91
CB MSE B 193 -24.60 -1.55 -23.85
CG MSE B 193 -24.01 -2.12 -25.18
SE MSE B 193 -22.27 -1.30 -25.66
CE MSE B 193 -21.42 -1.55 -23.94
N TYR B 194 -27.59 -2.32 -21.78
CA TYR B 194 -28.51 -1.82 -20.76
C TYR B 194 -27.89 -1.57 -19.39
N ILE B 195 -26.80 -2.26 -19.08
CA ILE B 195 -26.07 -2.02 -17.84
C ILE B 195 -24.56 -2.07 -18.13
N ALA B 196 -23.76 -1.55 -17.19
CA ALA B 196 -22.32 -1.59 -17.31
C ALA B 196 -21.73 -2.20 -16.06
N ALA B 197 -21.21 -3.39 -16.19
CA ALA B 197 -20.56 -4.06 -15.08
C ALA B 197 -19.28 -3.29 -14.70
N GLY B 198 -18.96 -3.27 -13.44
CA GLY B 198 -17.70 -2.70 -12.98
C GLY B 198 -16.68 -3.80 -13.14
N ASN B 199 -15.61 -3.55 -13.90
CA ASN B 199 -14.53 -4.50 -14.04
C ASN B 199 -13.13 -3.88 -13.86
N LEU B 200 -12.16 -4.74 -13.72
CA LEU B 200 -10.77 -4.34 -13.63
C LEU B 200 -10.05 -5.55 -14.15
N PHE B 201 -9.16 -5.35 -15.10
CA PHE B 201 -8.48 -6.48 -15.70
C PHE B 201 -7.11 -6.19 -16.27
N ILE B 202 -6.31 -7.24 -16.36
CA ILE B 202 -5.00 -7.12 -16.94
C ILE B 202 -5.17 -7.24 -18.43
N GLY B 203 -4.81 -6.19 -19.15
CA GLY B 203 -4.91 -6.22 -20.59
C GLY B 203 -5.14 -4.84 -21.12
N THR B 204 -5.95 -4.73 -22.16
CA THR B 204 -6.25 -3.45 -22.76
C THR B 204 -7.75 -3.34 -23.11
N PHE B 205 -8.22 -2.10 -23.14
CA PHE B 205 -9.57 -1.81 -23.53
C PHE B 205 -9.50 -1.07 -24.86
N GLU B 206 -10.08 -1.63 -25.91
CA GLU B 206 -10.11 -1.02 -27.25
CA GLU B 206 -10.08 -0.98 -27.23
C GLU B 206 -11.36 -0.15 -27.36
N VAL B 207 -11.21 1.15 -27.09
CA VAL B 207 -12.39 2.02 -27.09
C VAL B 207 -13.16 2.05 -28.43
N GLY B 208 -12.46 1.81 -29.54
CA GLY B 208 -13.10 1.75 -30.87
C GLY B 208 -14.22 0.71 -30.94
N ASN B 209 -14.08 -0.37 -30.17
CA ASN B 209 -15.06 -1.44 -30.10
C ASN B 209 -16.04 -1.34 -28.93
N ALA B 210 -15.95 -0.27 -28.15
CA ALA B 210 -16.75 -0.16 -26.93
C ALA B 210 -18.24 -0.26 -27.14
N LEU B 211 -18.75 0.21 -28.28
CA LEU B 211 -20.20 0.18 -28.53
C LEU B 211 -20.65 -0.86 -29.57
N THR B 212 -19.78 -1.21 -30.51
CA THR B 212 -20.13 -2.18 -31.53
C THR B 212 -19.87 -3.65 -31.11
N ASP B 213 -18.80 -3.89 -30.34
CA ASP B 213 -18.42 -5.23 -29.89
C ASP B 213 -17.82 -5.11 -28.53
N PRO B 214 -18.66 -4.80 -27.54
CA PRO B 214 -18.07 -4.55 -26.22
C PRO B 214 -17.25 -5.68 -25.64
N ARG B 215 -17.60 -6.91 -25.95
CA ARG B 215 -16.86 -8.06 -25.42
C ARG B 215 -15.52 -8.21 -26.11
N LYS B 216 -15.42 -7.73 -27.34
CA LYS B 216 -14.13 -7.72 -28.01
C LYS B 216 -13.29 -6.53 -27.58
N ALA B 217 -13.91 -5.56 -26.94
CA ALA B 217 -13.19 -4.39 -26.47
C ALA B 217 -12.26 -4.74 -25.33
N THR B 218 -12.64 -5.72 -24.52
CA THR B 218 -11.85 -6.13 -23.37
C THR B 218 -10.87 -7.21 -23.78
N ASN B 219 -9.58 -6.86 -23.89
CA ASN B 219 -8.53 -7.81 -24.28
C ASN B 219 -7.77 -8.15 -23.03
N PHE B 220 -7.58 -9.44 -22.78
CA PHE B 220 -6.98 -9.89 -21.55
C PHE B 220 -5.61 -10.53 -21.68
N GLY B 221 -4.71 -10.14 -20.77
CA GLY B 221 -3.43 -10.78 -20.58
C GLY B 221 -2.15 -10.14 -21.10
N PHE B 222 -1.07 -10.38 -20.37
CA PHE B 222 0.28 -9.99 -20.79
C PHE B 222 1.23 -11.14 -20.47
N GLN B 223 2.37 -11.16 -21.15
CA GLN B 223 3.34 -12.21 -20.98
C GLN B 223 3.70 -12.41 -19.53
N PHE B 224 3.73 -13.67 -19.11
CA PHE B 224 4.03 -14.05 -17.74
C PHE B 224 4.97 -15.26 -17.80
N TYR B 225 5.97 -15.27 -16.92
CA TYR B 225 7.06 -16.24 -16.95
C TYR B 225 7.12 -17.19 -15.76
N LYS B 226 6.07 -17.26 -14.93
CA LYS B 226 6.06 -18.24 -13.84
C LYS B 226 4.78 -19.07 -13.95
N ARG B 227 4.68 -20.13 -13.15
CA ARG B 227 3.48 -20.99 -13.12
C ARG B 227 2.59 -20.54 -11.99
N PRO B 228 1.41 -19.98 -12.30
CA PRO B 228 0.56 -19.54 -11.20
C PRO B 228 -0.07 -20.72 -10.50
N LYS B 229 -0.24 -20.62 -9.18
CA LYS B 229 -0.83 -21.70 -8.37
C LYS B 229 -2.12 -21.26 -7.69
N THR B 230 -2.15 -20.05 -7.15
CA THR B 230 -3.31 -19.59 -6.39
C THR B 230 -3.53 -18.12 -6.54
N LEU B 231 -4.79 -17.71 -6.62
CA LEU B 231 -5.17 -16.30 -6.65
C LEU B 231 -5.83 -16.04 -5.30
N LYS B 232 -5.32 -15.10 -4.52
CA LYS B 232 -5.82 -14.82 -3.19
C LYS B 232 -6.12 -13.36 -3.00
N GLY B 233 -6.96 -13.06 -2.02
CA GLY B 233 -7.28 -11.68 -1.68
C GLY B 233 -8.47 -11.66 -0.77
N HIS B 234 -9.12 -10.51 -0.68
CA HIS B 234 -10.31 -10.36 0.16
C HIS B 234 -11.30 -9.56 -0.61
N TYR B 235 -12.56 -9.78 -0.31
CA TYR B 235 -13.61 -9.05 -0.97
C TYR B 235 -14.87 -8.88 -0.11
N LYS B 236 -15.69 -7.92 -0.51
CA LYS B 236 -17.04 -7.73 0.00
C LYS B 236 -17.89 -7.61 -1.27
N PHE B 237 -19.05 -8.25 -1.24
CA PHE B 237 -19.96 -8.25 -2.36
C PHE B 237 -21.39 -8.04 -1.88
N LYS B 238 -22.11 -7.15 -2.56
CA LYS B 238 -23.54 -6.93 -2.29
C LYS B 238 -24.24 -6.86 -3.65
N ALA B 239 -25.20 -7.75 -3.89
CA ALA B 239 -25.95 -7.75 -5.15
C ALA B 239 -26.93 -6.59 -5.17
N GLY B 240 -27.18 -6.05 -6.36
CA GLY B 240 -28.15 -4.98 -6.49
C GLY B 240 -29.55 -5.57 -6.29
N ASP B 241 -30.49 -4.68 -6.00
CA ASP B 241 -31.86 -5.08 -5.68
C ASP B 241 -32.63 -5.68 -6.84
N VAL B 242 -32.55 -5.03 -7.98
CA VAL B 242 -33.29 -5.48 -9.15
C VAL B 242 -32.35 -6.02 -10.24
N TYR B 243 -32.41 -7.33 -10.43
CA TYR B 243 -31.65 -8.02 -11.47
C TYR B 243 -32.36 -7.81 -12.78
N SER B 244 -31.60 -7.59 -13.85
CA SER B 244 -32.22 -7.37 -15.15
C SER B 244 -31.52 -8.18 -16.22
N VAL B 245 -32.26 -8.53 -17.26
CA VAL B 245 -31.76 -9.27 -18.40
C VAL B 245 -32.16 -8.45 -19.62
N GLU B 246 -31.17 -7.96 -20.36
CA GLU B 246 -31.40 -7.09 -21.50
C GLU B 246 -32.38 -5.97 -21.17
N GLY B 247 -32.13 -5.30 -20.07
CA GLY B 247 -32.92 -4.14 -19.68
C GLY B 247 -34.25 -4.39 -19.02
N LYS B 248 -34.71 -5.64 -18.99
CA LYS B 248 -36.00 -5.95 -18.38
C LYS B 248 -35.85 -6.62 -17.01
N PRO B 249 -36.50 -6.04 -15.99
CA PRO B 249 -36.40 -6.63 -14.64
C PRO B 249 -36.75 -8.10 -14.68
N GLN B 250 -36.09 -8.85 -13.82
CA GLN B 250 -36.31 -10.27 -13.73
C GLN B 250 -36.12 -10.74 -12.31
N GLU B 251 -37.19 -11.27 -11.74
CA GLU B 251 -37.18 -11.59 -10.34
C GLU B 251 -36.75 -13.01 -10.09
N GLY B 252 -36.40 -13.27 -8.84
CA GLY B 252 -36.02 -14.61 -8.46
C GLY B 252 -34.58 -14.92 -8.80
N VAL B 253 -33.76 -13.90 -9.08
CA VAL B 253 -32.38 -14.13 -9.43
C VAL B 253 -31.54 -13.13 -8.68
N ARG B 254 -30.56 -13.66 -7.97
CA ARG B 254 -29.67 -12.85 -7.20
C ARG B 254 -28.33 -12.80 -7.97
N ASP B 255 -27.86 -11.58 -8.25
CA ASP B 255 -26.59 -11.32 -8.97
C ASP B 255 -25.41 -11.82 -8.16
N LYS B 256 -24.34 -12.17 -8.88
CA LYS B 256 -23.08 -12.61 -8.29
C LYS B 256 -21.94 -11.88 -8.97
N CYS B 257 -20.87 -11.63 -8.24
CA CYS B 257 -19.66 -11.04 -8.78
C CYS B 257 -18.83 -12.16 -9.40
N ASP B 258 -17.71 -11.80 -10.02
CA ASP B 258 -16.80 -12.77 -10.60
C ASP B 258 -15.36 -12.31 -10.32
N ILE B 259 -14.49 -13.29 -10.10
CA ILE B 259 -13.09 -13.08 -9.81
C ILE B 259 -12.39 -14.26 -10.45
N TYR B 260 -11.54 -14.00 -11.42
CA TYR B 260 -10.80 -15.10 -12.03
C TYR B 260 -9.47 -14.67 -12.62
N ALA B 261 -8.69 -15.67 -13.01
CA ALA B 261 -7.43 -15.44 -13.65
C ALA B 261 -7.22 -16.58 -14.62
N VAL B 262 -6.54 -16.28 -15.71
CA VAL B 262 -6.26 -17.25 -16.75
C VAL B 262 -4.81 -17.23 -17.14
N MSE B 263 -4.34 -18.38 -17.61
CA MSE B 263 -3.04 -18.49 -18.19
C MSE B 263 -3.35 -19.12 -19.58
O MSE B 263 -4.05 -20.13 -19.67
CB MSE B 263 -2.19 -19.39 -17.33
CG MSE B 263 -0.75 -19.41 -17.62
SE MSE B 263 0.22 -17.78 -17.20
CE MSE B 263 1.89 -18.69 -17.62
N TYR B 264 -2.89 -18.51 -20.66
CA TYR B 264 -3.14 -19.10 -21.98
C TYR B 264 -1.90 -19.01 -22.86
N GLU B 265 -1.87 -19.85 -23.88
CA GLU B 265 -0.75 -19.90 -24.81
C GLU B 265 -0.97 -18.88 -25.92
N ALA B 266 0.02 -18.01 -26.12
CA ALA B 266 0.01 -16.99 -27.14
C ALA B 266 1.18 -17.26 -28.07
N GLU B 267 0.91 -17.81 -29.24
CA GLU B 267 1.96 -18.17 -30.20
C GLU B 267 2.86 -16.97 -30.52
N ASN B 268 2.30 -15.76 -30.50
CA ASN B 268 3.08 -14.53 -30.69
C ASN B 268 2.41 -13.47 -29.84
N ASN B 269 3.10 -12.36 -29.60
CA ASN B 269 2.62 -11.32 -28.71
C ASN B 269 1.35 -10.60 -29.14
N SER B 270 0.89 -10.77 -30.38
CA SER B 270 -0.36 -10.12 -30.80
C SER B 270 -1.61 -10.90 -30.32
N VAL B 271 -1.43 -12.15 -29.92
CA VAL B 271 -2.53 -12.99 -29.49
C VAL B 271 -3.02 -12.59 -28.07
N MSE B 272 -4.31 -12.29 -27.98
CA MSE B 272 -4.98 -11.98 -26.73
C MSE B 272 -6.35 -12.59 -26.70
O MSE B 272 -7.00 -12.74 -27.75
CB MSE B 272 -5.11 -10.46 -26.51
CG MSE B 272 -3.75 -9.73 -26.47
SE MSE B 272 -3.90 -7.88 -26.02
CE MSE B 272 -4.10 -8.04 -24.10
N LEU B 273 -6.78 -12.98 -25.51
CA LEU B 273 -8.12 -13.48 -25.31
C LEU B 273 -8.97 -12.24 -25.09
N ASN B 274 -10.28 -12.39 -25.26
CA ASN B 274 -11.22 -11.31 -25.04
C ASN B 274 -12.47 -11.83 -24.34
N GLY B 275 -13.46 -10.96 -24.15
CA GLY B 275 -14.70 -11.31 -23.47
C GLY B 275 -15.54 -12.42 -24.11
N ASP B 276 -15.32 -12.72 -25.38
CA ASP B 276 -16.08 -13.79 -26.06
C ASP B 276 -15.43 -15.14 -25.95
N ASP B 277 -14.11 -15.20 -25.77
CA ASP B 277 -13.43 -16.49 -25.77
C ASP B 277 -12.55 -16.78 -24.55
N VAL B 278 -12.62 -15.94 -23.51
CA VAL B 278 -11.75 -16.11 -22.35
C VAL B 278 -11.89 -17.47 -21.66
N PHE B 279 -13.10 -18.06 -21.64
CA PHE B 279 -13.29 -19.36 -20.98
C PHE B 279 -13.34 -20.53 -21.94
N THR B 280 -13.53 -20.24 -23.23
CA THR B 280 -13.72 -21.29 -24.21
C THR B 280 -12.58 -21.53 -25.19
N SER B 281 -11.65 -20.59 -25.31
CA SER B 281 -10.53 -20.74 -26.23
C SER B 281 -9.68 -21.98 -25.96
N ASP B 282 -9.26 -22.65 -27.04
CA ASP B 282 -8.36 -23.80 -26.98
CA ASP B 282 -8.38 -23.81 -26.94
C ASP B 282 -6.95 -23.39 -26.55
N LYS B 283 -6.70 -22.09 -26.45
CA LYS B 283 -5.40 -21.59 -26.02
C LYS B 283 -5.27 -21.61 -24.49
N LEU B 284 -6.40 -21.63 -23.81
CA LEU B 284 -6.46 -21.60 -22.34
C LEU B 284 -5.78 -22.84 -21.74
N VAL B 285 -4.76 -22.65 -20.90
CA VAL B 285 -4.10 -23.81 -20.27
C VAL B 285 -4.43 -23.94 -18.77
N SER B 286 -4.70 -22.84 -18.10
CA SER B 286 -4.94 -22.84 -16.65
C SER B 286 -6.00 -21.81 -16.30
N LEU B 287 -6.87 -22.13 -15.35
CA LEU B 287 -7.96 -21.21 -14.95
C LEU B 287 -8.18 -21.28 -13.45
N ALA B 288 -8.29 -20.10 -12.84
CA ALA B 288 -8.60 -19.96 -11.42
C ALA B 288 -9.85 -19.10 -11.40
N ARG B 289 -10.95 -19.67 -11.00
CA ARG B 289 -12.22 -18.94 -10.98
C ARG B 289 -12.99 -19.22 -9.72
N ILE B 290 -13.44 -18.15 -9.07
CA ILE B 290 -14.21 -18.29 -7.85
C ILE B 290 -15.48 -19.10 -8.16
N LYS B 291 -15.78 -20.05 -7.30
CA LYS B 291 -16.96 -20.87 -7.52
C LYS B 291 -18.20 -20.06 -7.14
N PRO B 292 -19.23 -20.04 -8.02
CA PRO B 292 -20.45 -19.30 -7.70
C PRO B 292 -21.05 -19.65 -6.32
N GLU B 293 -21.06 -20.93 -5.96
CA GLU B 293 -21.63 -21.36 -4.67
C GLU B 293 -20.83 -20.80 -3.50
N ASP B 294 -19.58 -20.41 -3.75
CA ASP B 294 -18.75 -19.87 -2.68
C ASP B 294 -18.90 -18.39 -2.47
N VAL B 295 -19.50 -17.69 -3.43
CA VAL B 295 -19.64 -16.24 -3.32
C VAL B 295 -20.65 -15.89 -2.22
N VAL B 296 -20.27 -15.00 -1.29
CA VAL B 296 -21.20 -14.62 -0.22
C VAL B 296 -21.42 -13.12 -0.20
N GLU B 297 -22.55 -12.71 0.38
CA GLU B 297 -22.85 -11.29 0.57
C GLU B 297 -22.72 -11.04 2.05
N SER B 298 -21.77 -10.20 2.43
CA SER B 298 -21.51 -9.98 3.84
C SER B 298 -21.02 -8.58 4.11
N ASP B 299 -21.24 -8.13 5.34
CA ASP B 299 -20.78 -6.82 5.76
C ASP B 299 -19.33 -6.93 6.23
N GLN B 300 -18.83 -8.17 6.38
CA GLN B 300 -17.45 -8.42 6.76
C GLN B 300 -16.61 -8.82 5.51
N TRP B 301 -15.33 -8.48 5.52
CA TRP B 301 -14.42 -8.89 4.46
C TRP B 301 -14.29 -10.39 4.45
N THR B 302 -14.18 -11.01 3.28
CA THR B 302 -14.07 -12.47 3.18
C THR B 302 -12.84 -12.82 2.41
N ASP B 303 -12.15 -13.89 2.81
CA ASP B 303 -10.97 -14.34 2.09
C ASP B 303 -11.37 -15.05 0.83
N PHE B 304 -10.57 -14.92 -0.23
CA PHE B 304 -10.73 -15.82 -1.35
C PHE B 304 -9.34 -16.40 -1.60
N GLU B 305 -9.34 -17.68 -1.96
CA GLU B 305 -8.13 -18.42 -2.27
C GLU B 305 -8.50 -19.40 -3.36
N ILE B 306 -8.25 -19.02 -4.61
CA ILE B 306 -8.70 -19.80 -5.74
C ILE B 306 -7.56 -20.50 -6.45
N PRO B 307 -7.60 -21.83 -6.50
CA PRO B 307 -6.51 -22.52 -7.16
C PRO B 307 -6.61 -22.47 -8.69
N PHE B 308 -5.45 -22.41 -9.34
CA PHE B 308 -5.39 -22.50 -10.79
C PHE B 308 -5.51 -23.96 -11.16
N GLU B 309 -6.50 -24.32 -11.98
CA GLU B 309 -6.68 -25.72 -12.39
C GLU B 309 -6.34 -25.88 -13.86
N PRO B 310 -5.69 -26.98 -14.24
CA PRO B 310 -5.45 -27.16 -15.68
C PRO B 310 -6.76 -27.23 -16.46
N VAL B 311 -6.74 -26.76 -17.71
CA VAL B 311 -7.91 -26.80 -18.58
C VAL B 311 -7.68 -27.92 -19.59
N LYS B 312 -8.63 -28.85 -19.65
CA LYS B 312 -8.56 -29.98 -20.58
C LYS B 312 -7.23 -30.72 -20.50
N GLY B 313 -6.69 -30.86 -19.30
CA GLY B 313 -5.43 -31.60 -19.09
C GLY B 313 -4.16 -30.96 -19.66
N ARG B 314 -4.27 -29.71 -20.14
CA ARG B 314 -3.13 -29.02 -20.74
C ARG B 314 -2.11 -28.68 -19.66
N VAL B 315 -0.85 -28.60 -20.03
CA VAL B 315 0.21 -28.29 -19.07
C VAL B 315 1.04 -27.11 -19.57
N ILE B 316 1.64 -26.37 -18.64
CA ILE B 316 2.52 -25.26 -18.99
C ILE B 316 3.88 -25.88 -19.30
N ASP B 317 4.41 -25.59 -20.49
CA ASP B 317 5.68 -26.16 -20.92
C ASP B 317 6.84 -25.22 -20.53
N ASP B 318 7.90 -25.79 -19.95
CA ASP B 318 9.07 -25.04 -19.48
C ASP B 318 9.69 -24.11 -20.50
N THR B 319 10.00 -24.65 -21.68
CA THR B 319 10.66 -23.88 -22.73
C THR B 319 9.75 -22.76 -23.22
N LYS B 320 8.48 -23.09 -23.47
CA LYS B 320 7.52 -22.07 -23.92
C LYS B 320 7.32 -20.99 -22.86
N LEU B 321 7.24 -21.39 -21.58
CA LEU B 321 7.12 -20.43 -20.47
C LEU B 321 8.30 -19.48 -20.47
N LYS B 322 9.51 -20.02 -20.55
CA LYS B 322 10.73 -19.22 -20.56
C LYS B 322 10.77 -18.28 -21.76
N ASN B 323 10.27 -18.75 -22.90
CA ASN B 323 10.26 -17.94 -24.12
C ASN B 323 9.11 -16.95 -24.25
N GLY B 324 8.31 -16.77 -23.19
CA GLY B 324 7.23 -15.77 -23.22
C GLY B 324 6.03 -16.17 -24.04
N LYS B 325 5.78 -17.47 -24.16
CA LYS B 325 4.66 -17.95 -24.96
C LYS B 325 3.38 -18.10 -24.16
N TYR B 326 3.38 -17.74 -22.88
CA TYR B 326 2.15 -17.78 -22.09
C TYR B 326 1.85 -16.39 -21.54
N LYS B 327 0.56 -16.07 -21.46
CA LYS B 327 0.07 -14.80 -20.94
C LYS B 327 -0.88 -15.05 -19.78
N LEU B 328 -0.84 -14.15 -18.80
CA LEU B 328 -1.70 -14.21 -17.63
C LEU B 328 -2.62 -13.04 -17.63
N GLY B 329 -3.87 -13.29 -17.25
CA GLY B 329 -4.85 -12.24 -17.03
C GLY B 329 -5.55 -12.47 -15.70
N ILE B 330 -5.97 -11.37 -15.08
CA ILE B 330 -6.75 -11.36 -13.85
C ILE B 330 -7.91 -10.46 -14.19
N VAL B 331 -9.11 -10.88 -13.81
CA VAL B 331 -10.34 -10.12 -14.08
C VAL B 331 -11.23 -10.10 -12.85
N LEU B 332 -11.68 -8.91 -12.49
CA LEU B 332 -12.59 -8.70 -11.38
C LEU B 332 -13.83 -8.08 -12.00
N SER B 333 -15.02 -8.53 -11.59
CA SER B 333 -16.26 -7.96 -12.08
C SER B 333 -17.38 -7.98 -11.05
N SER B 334 -18.16 -6.90 -11.03
CA SER B 334 -19.28 -6.79 -10.12
C SER B 334 -20.49 -7.64 -10.53
N SER B 335 -20.57 -8.05 -11.80
CA SER B 335 -21.73 -8.86 -12.29
C SER B 335 -21.15 -9.91 -13.20
N VAL B 336 -21.23 -11.18 -12.78
CA VAL B 336 -20.60 -12.29 -13.51
C VAL B 336 -21.01 -12.35 -14.97
N ASP B 337 -22.27 -12.09 -15.26
CA ASP B 337 -22.77 -12.12 -16.65
C ASP B 337 -23.06 -10.70 -17.16
N GLY B 338 -22.47 -9.71 -16.49
CA GLY B 338 -22.61 -8.31 -16.87
C GLY B 338 -22.19 -7.98 -18.29
N ALA B 339 -21.23 -8.73 -18.82
CA ALA B 339 -20.76 -8.51 -20.19
C ALA B 339 -21.82 -8.86 -21.21
N TYR B 340 -22.83 -9.67 -20.81
CA TYR B 340 -23.97 -10.03 -21.64
C TYR B 340 -25.22 -9.24 -21.17
N PHE B 341 -25.00 -8.23 -20.35
CA PHE B 341 -26.06 -7.36 -19.85
C PHE B 341 -27.12 -8.05 -18.99
N LYS B 342 -26.64 -9.02 -18.23
CA LYS B 342 -27.44 -9.75 -17.23
C LYS B 342 -26.79 -9.45 -15.89
N GLY B 343 -27.51 -8.74 -15.02
CA GLY B 343 -27.00 -8.38 -13.71
C GLY B 343 -27.88 -7.34 -13.09
N ALA B 344 -27.53 -6.90 -11.89
CA ALA B 344 -28.31 -5.88 -11.20
C ALA B 344 -27.53 -4.60 -11.01
N VAL B 345 -28.15 -3.49 -11.41
CA VAL B 345 -27.61 -2.19 -11.18
C VAL B 345 -27.42 -2.10 -9.66
N GLY B 346 -26.28 -1.62 -9.21
CA GLY B 346 -25.99 -1.52 -7.78
C GLY B 346 -25.18 -2.68 -7.22
N SER B 347 -25.06 -3.77 -7.96
CA SER B 347 -24.17 -4.82 -7.50
C SER B 347 -22.79 -4.20 -7.34
N THR B 348 -22.18 -4.44 -6.20
CA THR B 348 -20.90 -3.86 -5.85
C THR B 348 -19.94 -4.88 -5.32
N LEU B 349 -18.74 -4.92 -5.92
CA LEU B 349 -17.67 -5.76 -5.47
C LEU B 349 -16.53 -4.84 -5.03
N TYR B 350 -16.08 -5.02 -3.78
CA TYR B 350 -14.95 -4.34 -3.21
C TYR B 350 -13.85 -5.36 -3.07
N VAL B 351 -12.64 -5.01 -3.51
CA VAL B 351 -11.45 -5.87 -3.36
C VAL B 351 -10.38 -4.95 -2.80
N ASP B 352 -9.75 -5.36 -1.71
CA ASP B 352 -8.74 -4.50 -1.05
C ASP B 352 -7.32 -4.85 -1.49
N GLU B 353 -7.14 -6.10 -1.91
CA GLU B 353 -5.84 -6.61 -2.28
C GLU B 353 -5.98 -7.93 -3.04
N VAL B 354 -5.05 -8.18 -3.95
CA VAL B 354 -4.97 -9.42 -4.69
C VAL B 354 -3.51 -9.86 -4.70
N GLU B 355 -3.29 -11.17 -4.56
CA GLU B 355 -1.99 -11.74 -4.58
C GLU B 355 -1.98 -13.00 -5.43
N LEU B 356 -0.97 -13.12 -6.27
CA LEU B 356 -0.81 -14.29 -7.11
C LEU B 356 0.29 -15.12 -6.48
N ILE B 357 -0.03 -16.34 -6.06
CA ILE B 357 1.01 -17.24 -5.51
C ILE B 357 1.40 -18.14 -6.68
N CYS B 358 2.71 -18.26 -6.90
CA CYS B 358 3.26 -19.08 -7.99
C CYS B 358 3.95 -20.32 -7.45
N GLU B 359 4.22 -21.31 -8.31
CA GLU B 359 4.88 -22.57 -7.93
C GLU B 359 6.39 -22.46 -7.94
N ASP B 360 7.05 -23.58 -7.61
CA ASP B 360 8.51 -23.76 -7.56
C ASP B 360 9.09 -23.13 -6.29
C1 EDO C . 10.92 6.01 -9.54
O1 EDO C . 11.66 5.12 -10.39
C2 EDO C . 10.10 7.00 -10.35
O2 EDO C . 9.49 7.94 -9.46
C1 EDO D . -10.90 -4.09 9.03
O1 EDO D . -11.04 -5.50 9.21
C2 EDO D . -12.15 -3.47 8.43
O2 EDO D . -12.27 -2.11 8.86
#